data_5AB5
#
_entry.id   5AB5
#
_cell.length_a   66.689
_cell.length_b   66.689
_cell.length_c   157.460
_cell.angle_alpha   90.00
_cell.angle_beta   90.00
_cell.angle_gamma   120.00
#
_symmetry.space_group_name_H-M   'P 32'
#
loop_
_entity.id
_entity.type
_entity.pdbx_description
1 polymer 'SCP2-THIOLASE LIKE PROTEIN'
2 non-polymer 'SULFATE ION'
3 water water
#
_entity_poly.entity_id   1
_entity_poly.type   'polypeptide(L)'
_entity_poly.pdbx_seq_one_letter_code
;HHHHHHSSGLVPRGSHMASQVVRIVGVGRTGIGKLHKSVDELAASALKCALVDANMKQCDLQALIAVPSLASPQFMQAHH
IATVAGLFPTKGKFIVRTVDTGGAGPITALGMAVDLVRTRCAETVAVIAADAVLSMGSGAFAERSNASLRRSGLPEPCIP
HGYDRYAQWYMSRYGLKREQLAMVPVLMSKMAERHPEAMCQKAYTLDEVLHSRCVAPVTNLLECARRADGAVALIVSGEA
HYAEHFAQGKQEQRHLGGSKPIIASVAEASGPLFPPGSSDDIVPDIFSCRHAARDAFLSANLNVGDIHFFGLYDCFPICL
IQAVEAVGLCPEGKGGEFMETAYNEMLNNGGVLDPSKFPINTHGGLQCFGAPWEVPAMYNITEAIAQLSEEAGDRQLTPV
PKRALVYGNGGIFSASSVAILISDL
;
_entity_poly.pdbx_strand_id   A,B
#
# COMPACT_ATOMS: atom_id res chain seq x y z
N SER A 19 -8.74 1.64 -21.14
CA SER A 19 -8.44 0.59 -22.11
C SER A 19 -7.47 -0.43 -21.53
N GLN A 20 -6.74 -1.13 -22.41
CA GLN A 20 -5.61 -1.92 -22.00
C GLN A 20 -4.41 -0.99 -22.07
N VAL A 21 -4.46 -0.09 -23.05
CA VAL A 21 -3.43 0.93 -23.18
C VAL A 21 -3.83 2.09 -22.29
N VAL A 22 -2.96 2.39 -21.32
CA VAL A 22 -3.26 3.39 -20.31
C VAL A 22 -2.24 4.52 -20.37
N ARG A 23 -2.73 5.77 -20.36
CA ARG A 23 -1.83 6.91 -20.47
C ARG A 23 -1.79 7.78 -19.21
N ILE A 24 -0.73 8.57 -19.08
CA ILE A 24 -0.68 9.61 -18.05
C ILE A 24 -1.32 10.86 -18.64
N VAL A 25 -2.59 11.08 -18.31
CA VAL A 25 -3.35 12.15 -18.95
C VAL A 25 -3.34 13.44 -18.14
N GLY A 26 -2.70 13.40 -16.98
CA GLY A 26 -2.62 14.57 -16.13
C GLY A 26 -1.36 14.59 -15.28
N VAL A 27 -0.77 15.77 -15.17
CA VAL A 27 0.42 15.98 -14.33
C VAL A 27 0.29 17.32 -13.65
N GLY A 28 0.52 17.34 -12.35
CA GLY A 28 0.50 18.59 -11.60
C GLY A 28 1.49 18.48 -10.46
N ARG A 29 2.12 19.60 -10.14
CA ARG A 29 3.10 19.62 -9.06
C ARG A 29 3.27 21.01 -8.48
N THR A 30 3.66 21.06 -7.20
CA THR A 30 3.95 22.32 -6.55
C THR A 30 5.37 22.73 -6.89
N GLY A 31 5.81 23.85 -6.32
CA GLY A 31 7.21 24.22 -6.39
C GLY A 31 8.01 23.28 -5.51
N ILE A 32 9.29 23.58 -5.30
CA ILE A 32 10.13 22.73 -4.48
C ILE A 32 11.10 23.55 -3.63
N GLY A 33 11.38 23.08 -2.42
CA GLY A 33 12.21 23.83 -1.49
C GLY A 33 11.53 23.94 -0.13
N LYS A 34 11.52 25.15 0.43
CA LYS A 34 10.83 25.41 1.70
C LYS A 34 9.59 26.22 1.39
N LEU A 35 8.44 25.54 1.34
CA LEU A 35 7.21 26.10 0.79
C LEU A 35 6.28 26.68 1.86
N HIS A 36 6.53 26.34 3.12
CA HIS A 36 5.71 26.76 4.24
C HIS A 36 4.23 26.43 4.08
N LYS A 37 3.96 25.20 3.65
CA LYS A 37 2.61 24.68 3.61
C LYS A 37 2.58 23.31 4.26
N SER A 38 1.40 22.88 4.70
CA SER A 38 1.26 21.57 5.30
C SER A 38 1.34 20.55 4.17
N VAL A 39 1.63 19.31 4.52
CA VAL A 39 1.68 18.23 3.54
C VAL A 39 0.33 18.12 2.83
N ASP A 40 -0.74 18.44 3.55
CA ASP A 40 -2.10 18.38 3.02
C ASP A 40 -2.40 19.50 2.03
N GLU A 41 -1.82 20.67 2.24
CA GLU A 41 -2.00 21.80 1.33
C GLU A 41 -1.35 21.50 0.00
N LEU A 42 -0.18 20.88 0.07
CA LEU A 42 0.60 20.54 -1.11
C LEU A 42 -0.12 19.53 -2.00
N ALA A 43 -0.61 18.45 -1.39
CA ALA A 43 -1.29 17.40 -2.12
C ALA A 43 -2.55 17.90 -2.82
N ALA A 44 -3.28 18.78 -2.16
CA ALA A 44 -4.51 19.32 -2.73
C ALA A 44 -4.18 20.31 -3.86
N SER A 45 -3.15 21.12 -3.65
CA SER A 45 -2.72 22.10 -4.64
C SER A 45 -2.21 21.42 -5.91
N ALA A 46 -1.43 20.36 -5.73
CA ALA A 46 -0.88 19.61 -6.86
C ALA A 46 -1.99 18.92 -7.64
N LEU A 47 -2.98 18.42 -6.92
CA LEU A 47 -4.10 17.71 -7.53
C LEU A 47 -4.99 18.66 -8.33
N LYS A 48 -5.20 19.87 -7.81
CA LYS A 48 -5.95 20.88 -8.54
C LYS A 48 -5.24 21.24 -9.84
N CYS A 49 -3.91 21.31 -9.80
CA CYS A 49 -3.11 21.60 -10.98
C CYS A 49 -3.20 20.45 -11.98
N ALA A 50 -3.13 19.22 -11.49
CA ALA A 50 -3.16 18.03 -12.34
C ALA A 50 -4.48 17.89 -13.09
N LEU A 51 -5.57 18.29 -12.45
CA LEU A 51 -6.90 18.21 -13.05
C LEU A 51 -7.06 19.27 -14.13
N VAL A 52 -6.56 20.47 -13.85
CA VAL A 52 -6.52 21.55 -14.81
C VAL A 52 -5.72 21.10 -16.04
N ASP A 53 -4.61 20.42 -15.79
CA ASP A 53 -3.75 19.91 -16.86
C ASP A 53 -4.44 18.82 -17.67
N ALA A 54 -5.41 18.15 -17.04
CA ALA A 54 -6.08 17.03 -17.69
C ALA A 54 -7.43 17.45 -18.26
N ASN A 55 -7.80 18.71 -18.03
CA ASN A 55 -9.10 19.23 -18.42
C ASN A 55 -10.19 18.39 -17.75
N MET A 56 -10.03 18.21 -16.43
CA MET A 56 -10.96 17.43 -15.62
C MET A 56 -11.35 18.16 -14.34
N LYS A 57 -12.34 17.59 -13.65
CA LYS A 57 -12.75 18.05 -12.34
C LYS A 57 -12.69 16.89 -11.35
N GLN A 58 -12.91 17.19 -10.07
CA GLN A 58 -12.88 16.19 -9.01
C GLN A 58 -13.77 14.99 -9.31
N CYS A 59 -14.93 15.27 -9.87
CA CYS A 59 -15.94 14.27 -10.20
C CYS A 59 -15.47 13.19 -11.17
N ASP A 60 -14.38 13.47 -11.88
CA ASP A 60 -13.89 12.60 -12.94
C ASP A 60 -12.99 11.47 -12.42
N LEU A 61 -12.55 11.59 -11.16
CA LEU A 61 -11.70 10.57 -10.54
C LEU A 61 -12.50 9.35 -10.06
N GLN A 62 -11.90 8.17 -10.16
CA GLN A 62 -12.55 6.94 -9.71
C GLN A 62 -11.61 6.17 -8.79
N ALA A 63 -10.44 6.75 -8.52
CA ALA A 63 -9.47 6.16 -7.61
C ALA A 63 -8.40 7.15 -7.19
N LEU A 64 -7.69 6.83 -6.12
CA LEU A 64 -6.62 7.69 -5.61
C LEU A 64 -5.62 6.83 -4.86
N ILE A 65 -4.35 6.93 -5.25
CA ILE A 65 -3.28 6.22 -4.56
C ILE A 65 -2.26 7.23 -4.04
N ALA A 66 -1.76 7.00 -2.82
CA ALA A 66 -0.78 7.89 -2.23
C ALA A 66 0.30 7.13 -1.47
N VAL A 67 1.31 7.88 -1.01
CA VAL A 67 2.42 7.29 -0.26
C VAL A 67 2.57 8.06 1.06
N PRO A 68 3.13 7.41 2.09
CA PRO A 68 3.27 8.04 3.41
C PRO A 68 4.22 9.24 3.43
N SER A 69 4.00 10.13 4.39
CA SER A 69 4.85 11.30 4.58
C SER A 69 5.67 11.16 5.86
N LEU A 70 6.95 11.53 5.79
CA LEU A 70 7.82 11.46 6.96
C LEU A 70 7.59 12.66 7.87
N ALA A 71 7.22 13.79 7.26
CA ALA A 71 7.01 15.01 8.02
C ALA A 71 5.69 14.93 8.76
N SER A 72 4.68 14.36 8.11
CA SER A 72 3.37 14.20 8.73
C SER A 72 2.82 12.79 8.53
N PRO A 73 3.37 11.82 9.29
CA PRO A 73 2.90 10.43 9.18
C PRO A 73 1.44 10.28 9.60
N GLN A 74 0.65 9.59 8.77
CA GLN A 74 -0.79 9.54 8.94
C GLN A 74 -1.39 8.18 8.61
N PHE A 75 -2.22 7.70 9.54
CA PHE A 75 -2.98 6.47 9.36
C PHE A 75 -3.93 6.62 8.18
N MET A 76 -3.91 5.65 7.27
CA MET A 76 -4.69 5.71 6.03
C MET A 76 -4.50 7.04 5.31
N GLN A 77 -3.23 7.34 5.01
CA GLN A 77 -2.79 8.61 4.45
C GLN A 77 -3.61 9.13 3.28
N ALA A 78 -3.87 8.26 2.29
CA ALA A 78 -4.62 8.65 1.11
C ALA A 78 -6.05 9.08 1.43
N HIS A 79 -6.70 8.37 2.37
CA HIS A 79 -8.05 8.72 2.78
C HIS A 79 -8.02 10.07 3.49
N HIS A 80 -6.98 10.29 4.28
CA HIS A 80 -6.79 11.55 4.98
C HIS A 80 -6.69 12.66 3.96
N ILE A 81 -5.91 12.43 2.91
CA ILE A 81 -5.74 13.43 1.85
C ILE A 81 -7.04 13.70 1.12
N ALA A 82 -7.69 12.63 0.66
CA ALA A 82 -8.92 12.77 -0.12
C ALA A 82 -10.03 13.48 0.65
N THR A 83 -10.06 13.25 1.97
CA THR A 83 -11.08 13.85 2.82
C THR A 83 -10.82 15.33 3.07
N VAL A 84 -9.59 15.66 3.49
CA VAL A 84 -9.23 17.05 3.75
C VAL A 84 -9.28 17.88 2.48
N ALA A 85 -8.92 17.27 1.35
CA ALA A 85 -8.93 17.97 0.07
C ALA A 85 -10.35 18.30 -0.38
N GLY A 86 -11.32 17.52 0.08
CA GLY A 86 -12.71 17.78 -0.21
C GLY A 86 -13.30 16.97 -1.35
N LEU A 87 -12.75 15.77 -1.56
CA LEU A 87 -13.24 14.89 -2.62
C LEU A 87 -14.62 14.35 -2.29
N PHE A 88 -14.98 14.39 -1.01
CA PHE A 88 -16.23 13.81 -0.55
C PHE A 88 -17.26 14.92 -0.31
N PRO A 89 -18.55 14.62 -0.59
CA PRO A 89 -19.08 13.35 -1.09
C PRO A 89 -18.88 13.15 -2.59
N THR A 90 -19.05 11.90 -3.05
CA THR A 90 -18.98 11.57 -4.47
C THR A 90 -20.12 10.62 -4.86
N LYS A 91 -20.66 10.82 -6.06
CA LYS A 91 -21.80 10.03 -6.53
C LYS A 91 -21.42 8.67 -7.10
N GLY A 92 -20.14 8.46 -7.36
CA GLY A 92 -19.69 7.20 -7.94
C GLY A 92 -18.82 6.38 -7.01
N LYS A 93 -18.43 5.19 -7.48
CA LYS A 93 -17.51 4.35 -6.73
C LYS A 93 -16.15 5.01 -6.72
N PHE A 94 -15.49 5.00 -5.57
CA PHE A 94 -14.17 5.61 -5.46
C PHE A 94 -13.26 4.74 -4.58
N ILE A 95 -12.26 4.13 -5.21
CA ILE A 95 -11.32 3.27 -4.50
C ILE A 95 -10.11 4.07 -4.01
N VAL A 96 -9.73 3.88 -2.75
CA VAL A 96 -8.61 4.61 -2.17
C VAL A 96 -7.60 3.68 -1.54
N ARG A 97 -6.31 3.93 -1.77
CA ARG A 97 -5.25 3.09 -1.23
C ARG A 97 -4.01 3.90 -0.88
N THR A 98 -3.30 3.46 0.17
CA THR A 98 -2.00 4.01 0.51
C THR A 98 -0.97 2.90 0.40
N VAL A 99 0.12 3.16 -0.32
CA VAL A 99 1.18 2.16 -0.48
C VAL A 99 2.54 2.70 -0.04
N ASP A 100 3.32 1.85 0.60
CA ASP A 100 4.65 2.23 1.07
C ASP A 100 5.73 1.28 0.57
N THR A 101 6.49 1.74 -0.42
CA THR A 101 7.69 1.04 -0.86
C THR A 101 8.87 2.00 -0.86
N GLY A 102 8.79 2.99 0.01
CA GLY A 102 9.82 4.02 0.09
C GLY A 102 9.84 4.89 -1.14
N GLY A 103 11.03 5.18 -1.64
CA GLY A 103 11.19 6.03 -2.81
C GLY A 103 10.73 5.39 -4.11
N ALA A 104 10.44 4.09 -4.05
CA ALA A 104 9.89 3.38 -5.21
C ALA A 104 8.40 3.68 -5.36
N GLY A 105 7.82 4.28 -4.33
CA GLY A 105 6.38 4.50 -4.24
C GLY A 105 5.61 5.08 -5.40
N PRO A 106 6.02 6.26 -5.91
CA PRO A 106 5.26 6.91 -6.97
C PRO A 106 5.13 6.07 -8.24
N ILE A 107 6.11 5.19 -8.48
CA ILE A 107 6.08 4.30 -9.64
C ILE A 107 5.30 3.03 -9.31
N THR A 108 5.43 2.55 -8.08
CA THR A 108 4.59 1.44 -7.59
C THR A 108 3.13 1.82 -7.75
N ALA A 109 2.79 3.02 -7.30
CA ALA A 109 1.43 3.53 -7.38
C ALA A 109 1.01 3.71 -8.84
N LEU A 110 1.98 3.98 -9.70
CA LEU A 110 1.72 4.12 -11.14
C LEU A 110 1.26 2.78 -11.70
N GLY A 111 1.94 1.71 -11.31
CA GLY A 111 1.57 0.37 -11.74
C GLY A 111 0.23 -0.08 -11.20
N MET A 112 -0.07 0.29 -9.97
CA MET A 112 -1.35 -0.01 -9.35
C MET A 112 -2.48 0.69 -10.11
N ALA A 113 -2.21 1.92 -10.53
CA ALA A 113 -3.16 2.71 -11.28
C ALA A 113 -3.48 2.01 -12.60
N VAL A 114 -2.46 1.35 -13.16
CA VAL A 114 -2.64 0.60 -14.40
C VAL A 114 -3.58 -0.59 -14.19
N ASP A 115 -3.39 -1.35 -13.10
CA ASP A 115 -4.31 -2.43 -12.74
C ASP A 115 -5.75 -1.96 -12.61
N LEU A 116 -5.95 -0.86 -11.89
CA LEU A 116 -7.29 -0.34 -11.66
C LEU A 116 -8.02 0.02 -12.95
N VAL A 117 -7.26 0.45 -13.96
CA VAL A 117 -7.85 0.80 -15.24
C VAL A 117 -8.10 -0.46 -16.08
N ARG A 118 -7.15 -1.40 -16.03
CA ARG A 118 -7.23 -2.62 -16.84
C ARG A 118 -8.21 -3.64 -16.27
N THR A 119 -8.50 -3.55 -14.98
CA THR A 119 -9.50 -4.41 -14.37
C THR A 119 -10.81 -3.65 -14.33
N ARG A 120 -10.76 -2.40 -14.77
CA ARG A 120 -11.93 -1.52 -14.84
C ARG A 120 -12.61 -1.27 -13.49
N CYS A 121 -11.82 -1.31 -12.41
CA CYS A 121 -12.34 -0.95 -11.09
C CYS A 121 -12.37 0.57 -11.00
N ALA A 122 -11.65 1.22 -11.92
CA ALA A 122 -11.58 2.67 -12.00
C ALA A 122 -11.06 3.06 -13.38
N GLU A 123 -11.75 3.99 -14.03
CA GLU A 123 -11.37 4.43 -15.36
C GLU A 123 -10.29 5.51 -15.30
N THR A 124 -10.38 6.37 -14.29
CA THR A 124 -9.39 7.42 -14.09
C THR A 124 -8.83 7.29 -12.67
N VAL A 125 -7.51 7.42 -12.54
CA VAL A 125 -6.86 7.27 -11.24
C VAL A 125 -5.89 8.42 -10.96
N ALA A 126 -6.06 9.06 -9.81
CA ALA A 126 -5.13 10.08 -9.38
C ALA A 126 -4.03 9.44 -8.53
N VAL A 127 -2.79 9.86 -8.73
CA VAL A 127 -1.68 9.37 -7.93
C VAL A 127 -0.96 10.56 -7.30
N ILE A 128 -0.85 10.54 -5.98
CA ILE A 128 -0.35 11.71 -5.25
C ILE A 128 0.75 11.33 -4.25
N ALA A 129 1.81 12.14 -4.24
CA ALA A 129 2.87 12.00 -3.26
C ALA A 129 3.19 13.40 -2.77
N ALA A 130 3.26 13.56 -1.45
CA ALA A 130 3.46 14.88 -0.86
C ALA A 130 4.23 14.76 0.44
N ASP A 131 5.13 15.71 0.67
CA ASP A 131 5.89 15.74 1.91
C ASP A 131 6.54 17.11 2.10
N ALA A 132 6.99 17.38 3.32
CA ALA A 132 7.61 18.65 3.66
C ALA A 132 8.75 18.43 4.64
N VAL A 133 9.77 17.69 4.20
CA VAL A 133 10.89 17.31 5.06
C VAL A 133 11.97 18.37 5.18
N LEU A 134 11.79 19.51 4.51
CA LEU A 134 12.73 20.62 4.65
C LEU A 134 12.22 21.60 5.69
N SER A 135 10.92 21.87 5.67
CA SER A 135 10.29 22.73 6.66
C SER A 135 10.22 22.08 8.04
N MET A 136 10.41 20.76 8.09
CA MET A 136 10.24 20.01 9.33
C MET A 136 11.40 20.20 10.31
N GLY A 137 12.56 20.57 9.78
CA GLY A 137 13.74 20.80 10.61
C GLY A 137 14.79 19.72 10.49
N SER A 138 16.05 20.09 10.73
CA SER A 138 17.18 19.18 10.53
C SER A 138 17.21 18.03 11.54
N GLY A 139 16.85 18.32 12.78
CA GLY A 139 16.90 17.32 13.84
C GLY A 139 15.70 16.40 13.81
N ALA A 140 14.53 17.00 13.67
CA ALA A 140 13.28 16.26 13.53
C ALA A 140 13.37 15.29 12.36
N PHE A 141 13.86 15.78 11.22
CA PHE A 141 14.02 14.93 10.05
C PHE A 141 14.98 13.80 10.37
N ALA A 142 16.08 14.15 11.03
CA ALA A 142 17.11 13.17 11.35
C ALA A 142 16.58 12.10 12.29
N GLU A 143 15.85 12.52 13.33
CA GLU A 143 15.31 11.58 14.30
C GLU A 143 14.29 10.63 13.66
N ARG A 144 13.41 11.16 12.82
CA ARG A 144 12.39 10.34 12.17
C ARG A 144 12.97 9.43 11.09
N SER A 145 13.96 9.94 10.35
CA SER A 145 14.61 9.16 9.30
C SER A 145 15.49 8.06 9.90
N ASN A 146 16.20 8.38 10.97
CA ASN A 146 17.03 7.40 11.66
C ASN A 146 16.19 6.31 12.32
N ALA A 147 15.06 6.70 12.89
CA ALA A 147 14.13 5.76 13.51
C ALA A 147 13.62 4.76 12.48
N SER A 148 13.51 5.22 11.23
CA SER A 148 13.04 4.39 10.12
C SER A 148 13.89 3.15 9.87
N LEU A 149 15.13 3.17 10.36
CA LEU A 149 16.04 2.05 10.19
C LEU A 149 16.44 1.45 11.52
N ARG A 150 15.48 1.37 12.45
CA ARG A 150 15.74 0.73 13.73
C ARG A 150 15.98 -0.76 13.53
N ARG A 151 16.80 -1.36 14.40
CA ARG A 151 17.20 -2.76 14.30
C ARG A 151 18.19 -3.05 13.17
N SER A 152 18.58 -2.01 12.44
CA SER A 152 19.54 -2.16 11.35
C SER A 152 20.99 -2.26 11.84
N GLY A 153 21.27 -1.62 12.97
CA GLY A 153 22.63 -1.59 13.48
C GLY A 153 23.49 -0.58 12.75
N LEU A 154 22.84 0.30 11.99
CA LEU A 154 23.56 1.33 11.25
C LEU A 154 23.83 2.53 12.15
N PRO A 155 25.08 3.01 12.15
CA PRO A 155 25.43 4.23 12.88
C PRO A 155 24.81 5.45 12.22
N GLU A 156 24.52 6.48 13.01
CA GLU A 156 23.86 7.68 12.49
C GLU A 156 24.82 8.59 11.73
N PRO A 157 24.33 9.19 10.61
CA PRO A 157 22.97 8.98 10.10
C PRO A 157 22.83 7.64 9.38
N CYS A 158 21.73 6.94 9.65
CA CYS A 158 21.60 5.52 9.29
C CYS A 158 21.48 5.26 7.80
N ILE A 159 20.56 5.95 7.13
CA ILE A 159 20.36 5.76 5.69
C ILE A 159 21.62 6.04 4.85
N PRO A 160 22.29 7.20 5.07
CA PRO A 160 23.54 7.42 4.34
C PRO A 160 24.57 6.34 4.64
N HIS A 161 24.65 5.91 5.90
CA HIS A 161 25.59 4.86 6.31
C HIS A 161 25.25 3.53 5.64
N GLY A 162 23.97 3.29 5.39
CA GLY A 162 23.55 2.08 4.72
C GLY A 162 24.08 2.04 3.30
N TYR A 163 23.85 3.12 2.56
CA TYR A 163 24.38 3.23 1.20
C TYR A 163 25.91 3.30 1.18
N ASP A 164 26.47 3.98 2.18
CA ASP A 164 27.92 4.08 2.32
C ASP A 164 28.55 2.69 2.46
N ARG A 165 27.92 1.84 3.25
CA ARG A 165 28.43 0.48 3.48
C ARG A 165 28.43 -0.27 2.16
N TYR A 166 27.38 -0.08 1.37
CA TYR A 166 27.30 -0.68 0.04
C TYR A 166 28.36 -0.07 -0.88
N ALA A 167 28.63 1.21 -0.68
CA ALA A 167 29.65 1.90 -1.46
C ALA A 167 31.04 1.33 -1.18
N GLN A 168 31.37 1.18 0.10
CA GLN A 168 32.64 0.56 0.49
C GLN A 168 32.76 -0.87 -0.05
N TRP A 169 31.63 -1.55 -0.13
CA TRP A 169 31.63 -2.91 -0.66
C TRP A 169 31.97 -2.92 -2.14
N TYR A 170 31.42 -1.96 -2.88
CA TYR A 170 31.71 -1.82 -4.30
C TYR A 170 33.18 -1.46 -4.53
N MET A 171 33.71 -0.63 -3.64
CA MET A 171 35.11 -0.22 -3.72
C MET A 171 36.05 -1.42 -3.60
N SER A 172 35.69 -2.35 -2.72
CA SER A 172 36.49 -3.55 -2.50
C SER A 172 36.24 -4.62 -3.56
N ARG A 173 34.99 -4.71 -4.02
CA ARG A 173 34.57 -5.80 -4.90
C ARG A 173 34.82 -5.56 -6.39
N TYR A 174 34.49 -4.36 -6.87
CA TYR A 174 34.59 -4.07 -8.30
C TYR A 174 35.73 -3.11 -8.58
N GLY A 175 36.28 -2.54 -7.51
CA GLY A 175 37.36 -1.59 -7.62
C GLY A 175 36.82 -0.22 -7.95
N LEU A 176 35.69 0.12 -7.32
CA LEU A 176 35.13 1.46 -7.47
C LEU A 176 36.03 2.43 -6.71
N LYS A 177 36.10 3.67 -7.19
CA LYS A 177 36.94 4.67 -6.55
C LYS A 177 36.11 5.79 -5.93
N ARG A 178 36.59 6.30 -4.80
CA ARG A 178 35.92 7.37 -4.07
C ARG A 178 35.58 8.53 -5.01
N GLU A 179 36.50 8.79 -5.94
CA GLU A 179 36.38 9.90 -6.86
C GLU A 179 35.31 9.69 -7.93
N GLN A 180 35.07 8.43 -8.31
CA GLN A 180 34.03 8.11 -9.28
C GLN A 180 32.65 8.29 -8.66
N LEU A 181 32.59 8.12 -7.34
CA LEU A 181 31.39 8.38 -6.56
C LEU A 181 31.11 9.88 -6.55
N ALA A 182 32.16 10.65 -6.26
CA ALA A 182 32.06 12.10 -6.12
C ALA A 182 31.70 12.83 -7.42
N MET A 183 31.82 12.13 -8.54
CA MET A 183 31.48 12.71 -9.85
C MET A 183 29.98 12.86 -10.05
N VAL A 184 29.19 12.04 -9.35
CA VAL A 184 27.73 12.07 -9.48
C VAL A 184 27.08 13.43 -9.18
N PRO A 185 27.39 14.04 -8.01
CA PRO A 185 26.77 15.34 -7.75
C PRO A 185 27.21 16.44 -8.71
N VAL A 186 28.43 16.34 -9.24
CA VAL A 186 28.92 17.31 -10.20
C VAL A 186 28.09 17.24 -11.47
N LEU A 187 27.95 16.03 -12.00
CA LEU A 187 27.12 15.78 -13.17
C LEU A 187 25.67 16.21 -12.94
N MET A 188 25.20 15.99 -11.71
CA MET A 188 23.84 16.39 -11.35
C MET A 188 23.71 17.90 -11.21
N SER A 189 24.74 18.54 -10.64
CA SER A 189 24.77 19.99 -10.49
C SER A 189 24.75 20.72 -11.82
N LYS A 190 25.35 20.10 -12.84
CA LYS A 190 25.40 20.70 -14.17
C LYS A 190 24.02 20.67 -14.82
N MET A 191 23.32 19.56 -14.65
CA MET A 191 21.96 19.42 -15.17
C MET A 191 21.02 20.40 -14.46
N ALA A 192 21.20 20.54 -13.15
CA ALA A 192 20.31 21.33 -12.32
C ALA A 192 20.28 22.83 -12.65
N GLU A 193 21.44 23.41 -12.94
CA GLU A 193 21.49 24.84 -13.22
C GLU A 193 20.76 25.20 -14.51
N ARG A 194 20.44 24.19 -15.30
CA ARG A 194 19.61 24.38 -16.48
C ARG A 194 18.13 24.25 -16.12
N HIS A 195 17.85 23.97 -14.85
CA HIS A 195 16.48 23.88 -14.37
C HIS A 195 16.23 24.96 -13.32
N PRO A 196 15.35 25.92 -13.63
CA PRO A 196 15.03 27.08 -12.80
C PRO A 196 14.57 26.74 -11.38
N GLU A 197 13.95 25.58 -11.21
CA GLU A 197 13.35 25.22 -9.92
C GLU A 197 14.25 24.36 -9.05
N ALA A 198 15.27 23.76 -9.67
CA ALA A 198 16.21 22.89 -8.97
C ALA A 198 16.82 23.60 -7.76
N MET A 199 17.13 22.84 -6.72
CA MET A 199 17.64 23.44 -5.48
C MET A 199 19.12 23.78 -5.54
N CYS A 200 19.84 23.07 -6.40
CA CYS A 200 21.23 23.41 -6.66
C CYS A 200 21.28 24.31 -7.88
N GLN A 201 21.58 25.59 -7.68
CA GLN A 201 21.64 26.56 -8.76
C GLN A 201 23.06 26.89 -9.16
N LYS A 202 24.00 26.63 -8.26
CA LYS A 202 25.41 26.80 -8.56
C LYS A 202 26.07 25.43 -8.63
N ALA A 203 26.59 25.10 -9.80
CA ALA A 203 27.22 23.80 -10.02
C ALA A 203 28.38 23.56 -9.07
N TYR A 204 28.62 22.29 -8.73
CA TYR A 204 29.67 21.96 -7.78
C TYR A 204 30.96 21.67 -8.53
N THR A 205 32.09 21.86 -7.84
CA THR A 205 33.37 21.40 -8.35
C THR A 205 33.68 20.06 -7.70
N LEU A 206 34.47 19.23 -8.37
CA LEU A 206 34.85 17.94 -7.82
C LEU A 206 35.58 18.13 -6.50
N ASP A 207 36.34 19.21 -6.41
CA ASP A 207 37.05 19.55 -5.19
C ASP A 207 36.07 20.04 -4.13
N GLU A 208 34.97 20.65 -4.55
CA GLU A 208 33.95 21.09 -3.62
C GLU A 208 33.33 19.86 -2.98
N VAL A 209 33.09 18.84 -3.79
CA VAL A 209 32.47 17.61 -3.32
C VAL A 209 33.43 16.78 -2.46
N LEU A 210 34.66 16.59 -2.92
CA LEU A 210 35.64 15.82 -2.16
C LEU A 210 36.07 16.53 -0.87
N HIS A 211 36.01 17.86 -0.87
CA HIS A 211 36.37 18.62 0.32
C HIS A 211 35.13 18.92 1.14
N SER A 212 33.97 18.57 0.60
CA SER A 212 32.73 18.73 1.36
C SER A 212 32.82 17.77 2.54
N ARG A 213 32.13 18.13 3.62
CA ARG A 213 32.16 17.39 4.88
C ARG A 213 31.90 15.90 4.74
N CYS A 214 32.71 15.10 5.42
CA CYS A 214 32.51 13.67 5.42
C CYS A 214 31.24 13.43 6.23
N VAL A 215 30.36 12.57 5.74
CA VAL A 215 29.16 12.20 6.48
C VAL A 215 29.28 10.75 6.90
N ALA A 216 30.01 10.00 6.08
CA ALA A 216 30.29 8.60 6.30
C ALA A 216 31.57 8.34 5.53
N PRO A 217 32.37 7.35 5.96
CA PRO A 217 33.70 7.02 5.41
C PRO A 217 33.91 7.30 3.91
N VAL A 218 32.95 6.95 3.06
CA VAL A 218 33.11 7.21 1.63
C VAL A 218 31.96 8.04 1.03
N THR A 219 31.29 8.82 1.86
CA THR A 219 30.15 9.62 1.40
C THR A 219 30.21 10.99 2.06
N ASN A 220 30.30 12.03 1.24
CA ASN A 220 30.36 13.38 1.78
C ASN A 220 29.06 14.13 1.59
N LEU A 221 28.96 15.31 2.20
CA LEU A 221 27.71 16.06 2.29
C LEU A 221 27.04 16.38 0.95
N LEU A 222 27.84 16.78 -0.04
CA LEU A 222 27.27 17.17 -1.33
C LEU A 222 26.92 15.95 -2.17
N GLU A 223 27.20 14.77 -1.63
CA GLU A 223 26.80 13.51 -2.26
C GLU A 223 25.46 13.05 -1.70
N CYS A 224 24.93 13.78 -0.73
CA CYS A 224 23.69 13.41 -0.07
C CYS A 224 22.47 14.07 -0.71
N ALA A 225 21.37 13.34 -0.75
CA ALA A 225 20.12 13.81 -1.32
C ALA A 225 19.66 15.11 -0.67
N ARG A 226 19.07 15.99 -1.48
CA ARG A 226 18.77 17.35 -1.06
C ARG A 226 17.37 17.47 -0.46
N ARG A 227 17.31 17.78 0.83
CA ARG A 227 16.02 17.89 1.53
C ARG A 227 15.16 18.98 0.94
N ALA A 228 13.88 18.66 0.73
CA ALA A 228 12.95 19.59 0.10
C ALA A 228 11.51 19.32 0.49
N ASP A 229 10.66 20.32 0.30
CA ASP A 229 9.21 20.11 0.36
C ASP A 229 8.74 20.05 -1.08
N GLY A 230 7.68 19.30 -1.34
CA GLY A 230 7.12 19.24 -2.69
C GLY A 230 6.13 18.12 -2.87
N ALA A 231 5.20 18.33 -3.79
CA ALA A 231 4.16 17.35 -4.07
C ALA A 231 3.92 17.25 -5.57
N VAL A 232 3.60 16.03 -6.03
CA VAL A 232 3.28 15.80 -7.44
C VAL A 232 2.03 14.96 -7.55
N ALA A 233 1.13 15.33 -8.44
CA ALA A 233 -0.08 14.57 -8.68
C ALA A 233 -0.15 14.14 -10.13
N LEU A 234 -0.40 12.86 -10.36
CA LEU A 234 -0.58 12.36 -11.72
C LEU A 234 -2.00 11.88 -11.92
N ILE A 235 -2.49 11.98 -13.15
CA ILE A 235 -3.80 11.44 -13.48
C ILE A 235 -3.62 10.39 -14.57
N VAL A 236 -3.93 9.16 -14.22
CA VAL A 236 -3.79 8.03 -15.12
C VAL A 236 -5.19 7.66 -15.61
N SER A 237 -5.32 7.37 -16.90
CA SER A 237 -6.62 7.06 -17.49
C SER A 237 -6.49 6.27 -18.79
N GLY A 238 -7.58 5.65 -19.21
CA GLY A 238 -7.59 4.95 -20.48
C GLY A 238 -7.68 5.98 -21.60
N GLU A 239 -7.00 5.71 -22.70
CA GLU A 239 -6.94 6.66 -23.81
C GLU A 239 -8.31 6.91 -24.42
N ALA A 240 -8.99 5.83 -24.80
CA ALA A 240 -10.31 5.92 -25.41
C ALA A 240 -11.30 6.64 -24.50
N HIS A 241 -11.18 6.37 -23.19
CA HIS A 241 -12.04 7.01 -22.19
C HIS A 241 -11.80 8.52 -22.17
N TYR A 242 -10.53 8.90 -22.14
CA TYR A 242 -10.16 10.31 -22.07
C TYR A 242 -10.62 10.99 -23.35
N ALA A 243 -10.47 10.27 -24.46
CA ALA A 243 -10.86 10.77 -25.79
C ALA A 243 -12.34 11.13 -25.89
N GLU A 244 -13.21 10.29 -25.33
CA GLU A 244 -14.65 10.52 -25.43
C GLU A 244 -15.12 11.73 -24.63
N HIS A 245 -14.50 11.94 -23.47
CA HIS A 245 -15.03 12.90 -22.49
C HIS A 245 -14.20 14.18 -22.36
N PHE A 246 -12.90 14.10 -22.65
CA PHE A 246 -12.00 15.20 -22.33
C PHE A 246 -11.18 15.68 -23.52
N ALA A 247 -11.06 14.87 -24.56
CA ALA A 247 -10.28 15.26 -25.74
C ALA A 247 -10.91 16.44 -26.47
N GLN A 248 -10.85 17.61 -25.85
CA GLN A 248 -11.31 18.83 -26.50
C GLN A 248 -10.16 19.81 -26.66
N GLY A 249 -9.12 19.63 -25.85
CA GLY A 249 -7.96 20.53 -25.88
C GLY A 249 -7.30 20.58 -27.24
N LYS A 250 -6.86 21.77 -27.64
CA LYS A 250 -6.33 21.96 -28.98
C LYS A 250 -4.81 22.14 -29.06
N GLN A 251 -4.08 21.21 -28.47
CA GLN A 251 -2.63 21.13 -28.68
C GLN A 251 -2.33 20.26 -29.89
N GLU A 252 -1.33 20.61 -30.68
CA GLU A 252 -0.93 19.78 -31.81
C GLU A 252 -0.66 18.37 -31.31
N GLN A 253 -0.99 17.36 -32.11
CA GLN A 253 -0.84 15.99 -31.67
C GLN A 253 0.64 15.62 -31.57
N ARG A 254 1.47 16.33 -32.33
CA ARG A 254 2.90 16.30 -32.07
C ARG A 254 3.09 16.98 -30.72
N HIS A 255 3.85 16.32 -29.84
CA HIS A 255 4.11 16.82 -28.49
C HIS A 255 2.89 16.72 -27.56
N LEU A 256 1.83 16.07 -28.03
CA LEU A 256 0.68 15.78 -27.18
C LEU A 256 0.73 14.35 -26.68
N GLY A 257 1.29 13.47 -27.51
CA GLY A 257 1.52 12.09 -27.12
C GLY A 257 2.54 11.97 -26.01
N GLY A 258 3.63 12.74 -26.10
CA GLY A 258 4.58 12.82 -25.01
C GLY A 258 4.02 13.61 -23.85
N SER A 259 3.08 14.50 -24.14
CA SER A 259 2.46 15.35 -23.13
C SER A 259 1.52 14.53 -22.25
N LYS A 260 0.86 13.56 -22.87
CA LYS A 260 0.02 12.61 -22.16
C LYS A 260 0.44 11.20 -22.54
N PRO A 261 1.64 10.78 -22.10
CA PRO A 261 2.31 9.56 -22.57
C PRO A 261 1.63 8.27 -22.16
N ILE A 262 1.89 7.21 -22.93
CA ILE A 262 1.38 5.87 -22.65
C ILE A 262 2.27 5.20 -21.62
N ILE A 263 1.65 4.67 -20.58
CA ILE A 263 2.38 3.86 -19.62
C ILE A 263 2.52 2.47 -20.24
N ALA A 264 3.67 2.22 -20.86
CA ALA A 264 3.86 1.01 -21.64
C ALA A 264 4.03 -0.20 -20.73
N SER A 265 4.74 0.01 -19.63
CA SER A 265 4.97 -1.05 -18.66
C SER A 265 5.43 -0.52 -17.30
N VAL A 266 5.13 -1.28 -16.25
CA VAL A 266 5.65 -1.01 -14.92
C VAL A 266 6.07 -2.35 -14.31
N ALA A 267 7.17 -2.36 -13.55
CA ALA A 267 7.64 -3.58 -12.93
C ALA A 267 8.39 -3.29 -11.65
N GLU A 268 8.42 -4.27 -10.75
CA GLU A 268 9.04 -4.11 -9.44
C GLU A 268 9.83 -5.34 -9.01
N ALA A 269 10.75 -5.11 -8.09
CA ALA A 269 11.48 -6.16 -7.40
C ALA A 269 11.96 -5.54 -6.10
N SER A 270 12.36 -6.37 -5.15
CA SER A 270 12.65 -5.85 -3.81
C SER A 270 13.84 -6.54 -3.18
N GLY A 271 14.28 -6.01 -2.04
CA GLY A 271 15.36 -6.61 -1.28
C GLY A 271 15.30 -6.15 0.16
N PRO A 272 16.32 -6.52 0.95
CA PRO A 272 16.36 -6.24 2.39
C PRO A 272 16.34 -4.75 2.74
N LEU A 273 15.79 -4.43 3.91
CA LEU A 273 15.61 -3.05 4.34
C LEU A 273 16.93 -2.41 4.75
N PHE A 274 17.87 -3.25 5.19
CA PHE A 274 19.18 -2.79 5.64
C PHE A 274 20.22 -3.87 5.37
N PRO A 275 21.50 -3.47 5.27
CA PRO A 275 22.52 -4.49 5.01
C PRO A 275 22.69 -5.42 6.20
N PRO A 276 23.20 -6.64 5.95
CA PRO A 276 23.46 -7.66 6.98
C PRO A 276 24.46 -7.25 8.05
N GLY A 277 25.04 -6.07 7.89
CA GLY A 277 26.01 -5.55 8.86
C GLY A 277 27.35 -6.25 8.82
N SER A 278 27.40 -7.36 8.07
CA SER A 278 28.65 -8.09 7.88
C SER A 278 29.09 -7.89 6.44
N SER A 279 30.25 -7.27 6.25
CA SER A 279 30.82 -7.05 4.94
C SER A 279 30.91 -8.36 4.16
N ASP A 280 31.17 -9.45 4.89
CA ASP A 280 31.31 -10.77 4.29
C ASP A 280 29.94 -11.45 4.14
N ASP A 281 28.87 -10.71 4.43
CA ASP A 281 27.52 -11.19 4.22
C ASP A 281 26.85 -10.48 3.06
N ILE A 282 27.46 -9.40 2.58
CA ILE A 282 26.90 -8.65 1.46
C ILE A 282 27.04 -9.46 0.17
N VAL A 283 25.94 -9.56 -0.59
CA VAL A 283 25.87 -10.45 -1.74
C VAL A 283 25.07 -9.82 -2.88
N PRO A 284 25.54 -10.01 -4.13
CA PRO A 284 24.97 -9.45 -5.37
C PRO A 284 23.45 -9.60 -5.55
N ASP A 285 22.85 -10.69 -5.10
CA ASP A 285 21.43 -10.92 -5.35
C ASP A 285 20.51 -10.23 -4.32
N ILE A 286 21.10 -9.37 -3.49
CA ILE A 286 20.36 -8.49 -2.62
C ILE A 286 19.71 -7.40 -3.48
N PHE A 287 20.42 -7.01 -4.52
CA PHE A 287 20.00 -5.92 -5.41
C PHE A 287 18.95 -6.36 -6.42
N SER A 288 18.00 -5.47 -6.72
CA SER A 288 16.78 -5.81 -7.44
C SER A 288 16.43 -4.99 -8.68
N CYS A 289 17.21 -3.95 -8.98
CA CYS A 289 16.88 -3.04 -10.07
C CYS A 289 16.81 -3.64 -11.49
N ARG A 290 17.69 -4.59 -11.78
CA ARG A 290 17.76 -5.15 -13.13
C ARG A 290 16.55 -5.98 -13.51
N HIS A 291 16.04 -6.77 -12.57
CA HIS A 291 14.90 -7.65 -12.82
C HIS A 291 13.67 -6.84 -13.20
N ALA A 292 13.41 -5.78 -12.44
CA ALA A 292 12.30 -4.87 -12.71
C ALA A 292 12.44 -4.23 -14.09
N ALA A 293 13.62 -3.71 -14.39
CA ALA A 293 13.90 -3.10 -15.68
C ALA A 293 13.70 -4.13 -16.79
N ARG A 294 14.21 -5.33 -16.55
CA ARG A 294 14.08 -6.45 -17.48
C ARG A 294 12.61 -6.77 -17.78
N ASP A 295 11.78 -6.79 -16.74
CA ASP A 295 10.36 -7.09 -16.89
C ASP A 295 9.58 -5.95 -17.53
N ALA A 296 9.99 -4.72 -17.24
CA ALA A 296 9.37 -3.55 -17.84
C ALA A 296 9.63 -3.51 -19.35
N PHE A 297 10.82 -3.93 -19.75
CA PHE A 297 11.17 -4.01 -21.16
C PHE A 297 10.38 -5.08 -21.88
N LEU A 298 10.31 -6.26 -21.28
CA LEU A 298 9.54 -7.38 -21.82
C LEU A 298 8.07 -7.02 -22.01
N SER A 299 7.47 -6.44 -20.97
CA SER A 299 6.05 -6.07 -20.99
C SER A 299 5.72 -5.00 -22.02
N ALA A 300 6.72 -4.21 -22.40
CA ALA A 300 6.51 -3.13 -23.36
C ALA A 300 6.95 -3.53 -24.77
N ASN A 301 7.61 -4.68 -24.87
CA ASN A 301 8.24 -5.12 -26.12
C ASN A 301 9.17 -4.05 -26.65
N LEU A 302 10.10 -3.63 -25.81
CA LEU A 302 11.09 -2.63 -26.17
C LEU A 302 12.42 -3.04 -25.58
N ASN A 303 13.48 -2.35 -25.99
CA ASN A 303 14.79 -2.54 -25.38
C ASN A 303 15.38 -1.19 -25.01
N VAL A 304 16.55 -1.21 -24.38
CA VAL A 304 17.20 0.01 -23.90
C VAL A 304 17.59 0.95 -25.04
N GLY A 305 17.78 0.39 -26.23
CA GLY A 305 18.19 1.18 -27.38
C GLY A 305 17.07 2.03 -27.93
N ASP A 306 15.84 1.74 -27.54
CA ASP A 306 14.68 2.51 -27.97
C ASP A 306 14.38 3.62 -26.96
N ILE A 307 15.06 3.59 -25.83
CA ILE A 307 14.87 4.57 -24.77
C ILE A 307 15.90 5.70 -24.90
N HIS A 308 15.43 6.93 -24.88
CA HIS A 308 16.32 8.08 -25.03
C HIS A 308 16.24 9.10 -23.89
N PHE A 309 15.55 8.73 -22.82
CA PHE A 309 15.67 9.47 -21.56
C PHE A 309 15.57 8.53 -20.37
N PHE A 310 16.39 8.80 -19.35
CA PHE A 310 16.44 7.96 -18.17
C PHE A 310 16.29 8.79 -16.90
N GLY A 311 15.19 8.58 -16.18
CA GLY A 311 15.01 9.18 -14.88
C GLY A 311 15.39 8.16 -13.83
N LEU A 312 16.60 8.31 -13.30
CA LEU A 312 17.17 7.29 -12.42
C LEU A 312 17.33 7.81 -11.00
N TYR A 313 16.83 7.04 -10.03
CA TYR A 313 16.87 7.41 -8.63
C TYR A 313 18.31 7.60 -8.14
N ASP A 314 18.56 8.69 -7.43
CA ASP A 314 19.91 9.05 -7.03
C ASP A 314 20.00 9.66 -5.64
N CYS A 315 19.46 8.96 -4.65
CA CYS A 315 19.52 9.44 -3.27
C CYS A 315 20.97 9.62 -2.82
N PHE A 316 21.82 8.68 -3.25
CA PHE A 316 23.25 8.73 -3.00
C PHE A 316 23.98 8.21 -4.24
N PRO A 317 25.27 8.58 -4.40
CA PRO A 317 26.02 8.24 -5.63
C PRO A 317 26.02 6.75 -5.96
N ILE A 318 26.15 5.90 -4.94
CA ILE A 318 26.14 4.45 -5.14
C ILE A 318 24.84 3.96 -5.79
N CYS A 319 23.75 4.67 -5.57
CA CYS A 319 22.46 4.29 -6.14
C CYS A 319 22.38 4.52 -7.64
N LEU A 320 22.82 5.69 -8.09
CA LEU A 320 22.81 6.01 -9.51
C LEU A 320 23.79 5.15 -10.30
N ILE A 321 24.93 4.85 -9.67
CA ILE A 321 25.96 4.01 -10.27
C ILE A 321 25.42 2.61 -10.57
N GLN A 322 24.76 2.01 -9.58
CA GLN A 322 24.15 0.71 -9.75
C GLN A 322 23.04 0.75 -10.80
N ALA A 323 22.37 1.89 -10.88
CA ALA A 323 21.24 2.08 -11.79
C ALA A 323 21.61 1.99 -13.27
N VAL A 324 22.64 2.74 -13.67
CA VAL A 324 23.05 2.79 -15.08
C VAL A 324 23.48 1.41 -15.58
N GLU A 325 24.11 0.65 -14.70
CA GLU A 325 24.45 -0.75 -14.95
C GLU A 325 23.19 -1.58 -15.16
N ALA A 326 22.22 -1.35 -14.29
CA ALA A 326 21.00 -2.17 -14.24
C ALA A 326 20.09 -2.04 -15.46
N VAL A 327 19.83 -0.82 -15.90
CA VAL A 327 18.91 -0.60 -17.02
C VAL A 327 19.57 -0.86 -18.38
N GLY A 328 20.88 -1.11 -18.35
CA GLY A 328 21.60 -1.48 -19.56
C GLY A 328 22.20 -0.31 -20.33
N LEU A 329 22.72 0.67 -19.61
CA LEU A 329 23.43 1.78 -20.23
C LEU A 329 24.92 1.47 -20.28
N CYS A 330 25.36 0.60 -19.38
CA CYS A 330 26.76 0.19 -19.30
C CYS A 330 26.80 -1.17 -18.61
N PRO A 331 27.85 -1.95 -18.88
CA PRO A 331 27.98 -3.28 -18.26
C PRO A 331 28.04 -3.21 -16.74
N GLU A 332 27.81 -4.34 -16.07
CA GLU A 332 27.85 -4.42 -14.62
C GLU A 332 29.26 -4.20 -14.09
N GLY A 333 29.38 -3.38 -13.05
CA GLY A 333 30.68 -3.10 -12.45
C GLY A 333 31.39 -1.89 -13.05
N LYS A 334 30.81 -1.33 -14.10
CA LYS A 334 31.47 -0.28 -14.86
C LYS A 334 30.78 1.07 -14.70
N GLY A 335 30.00 1.22 -13.64
CA GLY A 335 29.19 2.40 -13.45
C GLY A 335 29.97 3.63 -13.05
N GLY A 336 31.08 3.43 -12.33
CA GLY A 336 31.94 4.54 -11.96
C GLY A 336 32.64 5.10 -13.19
N GLU A 337 33.01 4.20 -14.09
CA GLU A 337 33.64 4.56 -15.36
C GLU A 337 32.65 5.30 -16.26
N PHE A 338 31.39 4.89 -16.22
CA PHE A 338 30.33 5.53 -16.98
C PHE A 338 30.21 7.00 -16.61
N MET A 339 30.34 7.28 -15.31
CA MET A 339 30.26 8.65 -14.83
C MET A 339 31.51 9.42 -15.25
N GLU A 340 32.65 8.73 -15.22
CA GLU A 340 33.93 9.34 -15.55
C GLU A 340 34.00 9.79 -17.00
N THR A 341 33.58 8.92 -17.91
CA THR A 341 33.58 9.24 -19.34
C THR A 341 32.70 10.45 -19.63
N ALA A 342 31.67 10.64 -18.82
CA ALA A 342 30.79 11.79 -18.95
C ALA A 342 31.40 13.01 -18.27
N TYR A 343 32.13 12.77 -17.19
CA TYR A 343 32.81 13.82 -16.44
C TYR A 343 34.00 14.37 -17.22
N ASN A 344 34.75 13.47 -17.85
CA ASN A 344 35.88 13.87 -18.67
C ASN A 344 35.41 14.70 -19.87
N GLU A 345 34.39 14.21 -20.55
CA GLU A 345 33.79 14.92 -21.68
C GLU A 345 33.27 16.29 -21.25
N MET A 346 32.84 16.40 -20.00
CA MET A 346 32.36 17.68 -19.49
C MET A 346 33.50 18.69 -19.51
N LEU A 347 34.63 18.30 -18.95
CA LEU A 347 35.81 19.15 -18.92
C LEU A 347 36.28 19.40 -20.34
N ASN A 348 36.26 18.32 -21.13
CA ASN A 348 36.62 18.36 -22.54
C ASN A 348 35.48 18.87 -23.43
N ASN A 349 34.74 19.87 -22.95
CA ASN A 349 33.68 20.52 -23.71
C ASN A 349 33.37 21.87 -23.08
N GLY A 350 34.41 22.51 -22.52
CA GLY A 350 34.27 23.81 -21.91
C GLY A 350 33.46 23.77 -20.63
N GLY A 351 33.53 22.65 -19.92
CA GLY A 351 32.78 22.48 -18.69
C GLY A 351 31.30 22.30 -18.93
N VAL A 352 30.95 21.80 -20.12
CA VAL A 352 29.55 21.63 -20.47
C VAL A 352 29.16 20.17 -20.60
N LEU A 353 28.19 19.76 -19.79
CA LEU A 353 27.68 18.40 -19.83
C LEU A 353 26.60 18.32 -20.89
N ASP A 354 26.93 17.77 -22.05
CA ASP A 354 26.00 17.66 -23.15
C ASP A 354 24.96 16.58 -22.85
N PRO A 355 23.70 17.01 -22.68
CA PRO A 355 22.56 16.13 -22.39
C PRO A 355 22.54 14.95 -23.37
N SER A 356 22.73 15.24 -24.65
CA SER A 356 22.66 14.22 -25.69
C SER A 356 23.69 13.11 -25.52
N LYS A 357 24.72 13.38 -24.72
CA LYS A 357 25.75 12.38 -24.42
C LYS A 357 25.58 11.81 -23.03
N PHE A 358 24.67 12.40 -22.25
CA PHE A 358 24.37 11.92 -20.91
C PHE A 358 22.90 12.21 -20.63
N PRO A 359 22.00 11.49 -21.32
CA PRO A 359 20.56 11.79 -21.29
C PRO A 359 19.93 11.29 -20.01
N ILE A 360 20.47 11.74 -18.88
CA ILE A 360 20.12 11.20 -17.59
C ILE A 360 19.90 12.30 -16.56
N ASN A 361 18.72 12.33 -15.97
CA ASN A 361 18.39 13.26 -14.89
C ASN A 361 18.68 14.71 -15.24
N THR A 362 18.12 15.17 -16.35
CA THR A 362 18.36 16.52 -16.84
C THR A 362 17.80 17.60 -15.90
N HIS A 363 17.06 17.16 -14.88
CA HIS A 363 16.49 18.08 -13.91
C HIS A 363 17.39 18.28 -12.69
N GLY A 364 18.30 17.33 -12.48
CA GLY A 364 19.21 17.40 -11.36
C GLY A 364 19.10 16.23 -10.39
N GLY A 365 17.99 15.50 -10.47
CA GLY A 365 17.78 14.33 -9.62
C GLY A 365 17.64 14.68 -8.15
N LEU A 366 17.78 13.68 -7.29
CA LEU A 366 17.68 13.91 -5.85
C LEU A 366 18.90 14.68 -5.37
N GLN A 367 20.00 14.54 -6.09
CA GLN A 367 21.25 15.23 -5.75
C GLN A 367 21.10 16.74 -5.84
N CYS A 368 20.45 17.23 -6.89
CA CYS A 368 20.48 18.65 -7.19
C CYS A 368 19.13 19.29 -7.56
N PHE A 369 18.13 18.47 -7.87
CA PHE A 369 16.78 19.02 -8.07
C PHE A 369 16.02 19.13 -6.74
N GLY A 370 15.97 18.03 -6.00
CA GLY A 370 15.26 18.01 -4.73
C GLY A 370 14.71 16.65 -4.37
N ALA A 371 14.49 16.43 -3.08
CA ALA A 371 14.06 15.12 -2.58
C ALA A 371 13.18 15.19 -1.34
N PRO A 372 11.86 15.29 -1.52
CA PRO A 372 10.92 15.24 -0.41
C PRO A 372 10.57 13.80 -0.03
N TRP A 373 11.53 13.09 0.57
CA TRP A 373 11.32 11.75 1.11
C TRP A 373 10.90 10.74 0.04
N GLU A 374 9.60 10.44 -0.04
CA GLU A 374 9.12 9.44 -1.00
C GLU A 374 8.59 10.04 -2.31
N VAL A 375 8.60 11.36 -2.39
CA VAL A 375 8.15 12.08 -3.59
C VAL A 375 9.06 12.02 -4.84
N PRO A 376 10.39 12.29 -4.68
CA PRO A 376 11.19 12.75 -5.83
C PRO A 376 11.29 11.83 -7.05
N ALA A 377 10.88 10.58 -6.92
CA ALA A 377 10.83 9.70 -8.10
C ALA A 377 9.78 10.20 -9.10
N MET A 378 8.86 11.02 -8.60
CA MET A 378 7.87 11.68 -9.45
C MET A 378 8.53 12.64 -10.43
N TYR A 379 9.67 13.21 -10.02
CA TYR A 379 10.38 14.18 -10.83
C TYR A 379 11.09 13.51 -12.00
N ASN A 380 11.46 12.24 -11.81
CA ASN A 380 11.94 11.43 -12.93
C ASN A 380 10.85 11.25 -13.98
N ILE A 381 9.59 11.22 -13.53
CA ILE A 381 8.46 11.06 -14.42
C ILE A 381 8.10 12.38 -15.10
N THR A 382 8.05 13.46 -14.32
CA THR A 382 7.70 14.77 -14.85
C THR A 382 8.75 15.30 -15.82
N GLU A 383 10.02 14.98 -15.55
CA GLU A 383 11.10 15.43 -16.42
C GLU A 383 11.07 14.61 -17.70
N ALA A 384 10.72 13.34 -17.57
CA ALA A 384 10.61 12.45 -18.71
C ALA A 384 9.53 12.93 -19.66
N ILE A 385 8.41 13.39 -19.11
CA ILE A 385 7.30 13.89 -19.91
C ILE A 385 7.69 15.20 -20.59
N ALA A 386 8.44 16.02 -19.87
CA ALA A 386 8.90 17.30 -20.40
C ALA A 386 9.79 17.06 -21.63
N GLN A 387 10.64 16.05 -21.52
CA GLN A 387 11.52 15.67 -22.62
C GLN A 387 10.73 15.14 -23.82
N LEU A 388 9.79 14.23 -23.54
CA LEU A 388 9.01 13.59 -24.59
C LEU A 388 8.13 14.59 -25.34
N SER A 389 7.73 15.66 -24.65
CA SER A 389 6.84 16.65 -25.22
C SER A 389 7.59 17.87 -25.75
N GLU A 390 8.92 17.77 -25.73
CA GLU A 390 9.80 18.88 -26.14
C GLU A 390 9.44 20.14 -25.34
N GLU A 391 9.39 19.99 -24.02
CA GLU A 391 9.06 21.07 -23.12
C GLU A 391 10.08 21.13 -21.98
N ALA A 392 11.27 20.58 -22.25
CA ALA A 392 12.33 20.50 -21.25
C ALA A 392 13.31 21.66 -21.36
N GLY A 393 12.96 22.65 -22.16
CA GLY A 393 13.70 23.90 -22.24
C GLY A 393 15.18 23.83 -22.57
N ASP A 394 16.00 24.28 -21.64
CA ASP A 394 17.45 24.34 -21.84
C ASP A 394 18.09 22.97 -21.65
N ARG A 395 17.29 22.01 -21.22
CA ARG A 395 17.73 20.66 -20.92
C ARG A 395 17.32 19.72 -22.03
N GLN A 396 16.59 20.25 -23.00
CA GLN A 396 15.95 19.44 -24.03
C GLN A 396 16.92 18.57 -24.82
N LEU A 397 16.62 17.28 -24.87
CA LEU A 397 17.39 16.34 -25.68
C LEU A 397 16.98 16.46 -27.14
N THR A 398 17.97 16.37 -28.02
CA THR A 398 17.73 16.40 -29.46
C THR A 398 18.52 15.26 -30.10
N PRO A 399 17.86 14.46 -30.95
CA PRO A 399 16.43 14.52 -31.31
C PRO A 399 15.50 14.12 -30.16
N VAL A 400 14.28 14.65 -30.18
CA VAL A 400 13.30 14.39 -29.12
C VAL A 400 13.03 12.90 -28.93
N PRO A 401 13.28 12.40 -27.70
CA PRO A 401 13.00 10.99 -27.36
C PRO A 401 11.53 10.67 -27.54
N LYS A 402 11.22 9.46 -27.99
CA LYS A 402 9.83 9.01 -28.08
C LYS A 402 9.48 8.13 -26.90
N ARG A 403 10.51 7.59 -26.24
CA ARG A 403 10.33 6.59 -25.20
C ARG A 403 11.24 6.88 -24.01
N ALA A 404 10.68 6.86 -22.80
CA ALA A 404 11.46 7.12 -21.59
C ALA A 404 11.40 5.96 -20.61
N LEU A 405 12.43 5.86 -19.77
CA LEU A 405 12.46 4.91 -18.66
C LEU A 405 12.66 5.67 -17.36
N VAL A 406 11.80 5.40 -16.38
CA VAL A 406 11.93 6.00 -15.06
C VAL A 406 12.20 4.94 -13.98
N TYR A 407 12.90 5.35 -12.93
CA TYR A 407 13.35 4.40 -11.91
C TYR A 407 13.24 4.98 -10.50
N GLY A 408 12.63 4.19 -9.62
CA GLY A 408 12.47 4.59 -8.23
C GLY A 408 13.08 3.55 -7.30
N ASN A 409 13.69 4.03 -6.21
CA ASN A 409 14.39 3.17 -5.27
C ASN A 409 13.97 3.47 -3.84
N GLY A 410 13.81 2.43 -3.03
CA GLY A 410 13.32 2.61 -1.68
C GLY A 410 14.18 1.92 -0.64
N GLY A 411 14.16 2.47 0.57
CA GLY A 411 14.96 1.93 1.66
C GLY A 411 16.44 2.03 1.32
N ILE A 412 17.15 0.93 1.51
CA ILE A 412 18.56 0.85 1.16
C ILE A 412 18.73 -0.27 0.13
N PHE A 413 18.47 0.07 -1.13
CA PHE A 413 18.36 -0.90 -2.20
C PHE A 413 17.37 -2.01 -1.83
N SER A 414 16.23 -1.58 -1.29
CA SER A 414 15.24 -2.49 -0.73
C SER A 414 14.07 -2.63 -1.69
N ALA A 415 13.81 -1.58 -2.47
CA ALA A 415 12.71 -1.59 -3.42
C ALA A 415 13.15 -0.99 -4.75
N SER A 416 12.76 -1.62 -5.84
CA SER A 416 13.01 -1.10 -7.17
C SER A 416 11.69 -1.01 -7.93
N SER A 417 11.43 0.13 -8.55
CA SER A 417 10.29 0.26 -9.44
C SER A 417 10.69 0.93 -10.75
N VAL A 418 10.32 0.31 -11.86
CA VAL A 418 10.69 0.82 -13.18
C VAL A 418 9.45 0.94 -14.06
N ALA A 419 9.30 2.09 -14.71
CA ALA A 419 8.21 2.29 -15.65
C ALA A 419 8.73 2.75 -17.00
N ILE A 420 8.05 2.34 -18.07
CA ILE A 420 8.37 2.82 -19.41
C ILE A 420 7.27 3.74 -19.90
N LEU A 421 7.66 4.95 -20.29
CA LEU A 421 6.72 5.90 -20.88
C LEU A 421 7.10 6.10 -22.34
N ILE A 422 6.10 6.01 -23.22
CA ILE A 422 6.34 6.20 -24.64
C ILE A 422 5.37 7.25 -25.17
N SER A 423 5.81 8.00 -26.17
CA SER A 423 5.02 9.10 -26.70
C SER A 423 3.89 8.60 -27.58
N ASP A 424 4.17 7.59 -28.38
CA ASP A 424 3.18 7.04 -29.29
C ASP A 424 3.39 5.54 -29.43
N LEU A 425 2.40 4.83 -29.96
CA LEU A 425 2.56 3.40 -30.22
C LEU A 425 3.02 3.17 -31.66
N SER B 19 -1.87 -19.09 -12.46
CA SER B 19 -2.90 -19.68 -13.33
C SER B 19 -4.08 -18.73 -13.50
N GLN B 20 -5.24 -19.30 -13.82
CA GLN B 20 -6.49 -18.53 -13.81
C GLN B 20 -7.19 -18.63 -12.47
N VAL B 21 -7.16 -19.83 -11.88
CA VAL B 21 -7.75 -20.04 -10.56
C VAL B 21 -6.73 -19.82 -9.46
N VAL B 22 -7.04 -18.91 -8.54
CA VAL B 22 -6.10 -18.57 -7.47
C VAL B 22 -6.67 -18.96 -6.10
N ARG B 23 -5.88 -19.69 -5.33
CA ARG B 23 -6.32 -20.17 -4.02
C ARG B 23 -5.48 -19.63 -2.87
N ILE B 24 -6.06 -19.68 -1.67
CA ILE B 24 -5.31 -19.47 -0.44
C ILE B 24 -4.78 -20.84 -0.01
N VAL B 25 -3.52 -21.12 -0.33
CA VAL B 25 -2.99 -22.46 -0.14
C VAL B 25 -2.28 -22.62 1.20
N GLY B 26 -2.21 -21.54 1.97
CA GLY B 26 -1.55 -21.58 3.26
C GLY B 26 -2.17 -20.63 4.26
N VAL B 27 -2.29 -21.10 5.49
CA VAL B 27 -2.83 -20.30 6.58
C VAL B 27 -2.04 -20.58 7.85
N GLY B 28 -1.63 -19.52 8.53
CA GLY B 28 -0.92 -19.64 9.78
C GLY B 28 -1.27 -18.49 10.69
N ARG B 29 -1.33 -18.76 11.98
CA ARG B 29 -1.66 -17.71 12.94
C ARG B 29 -1.12 -18.02 14.32
N THR B 30 -0.84 -16.96 15.07
CA THR B 30 -0.41 -17.08 16.45
C THR B 30 -1.65 -17.24 17.32
N GLY B 31 -1.45 -17.33 18.62
CA GLY B 31 -2.56 -17.26 19.55
C GLY B 31 -3.14 -15.85 19.56
N ILE B 32 -4.02 -15.59 20.52
CA ILE B 32 -4.65 -14.27 20.63
C ILE B 32 -4.82 -13.87 22.08
N GLY B 33 -4.67 -12.58 22.37
CA GLY B 33 -4.73 -12.09 23.73
C GLY B 33 -3.56 -11.21 24.10
N LYS B 34 -2.99 -11.45 25.27
CA LYS B 34 -1.83 -10.72 25.73
C LYS B 34 -0.61 -11.60 25.68
N LEU B 35 0.16 -11.49 24.61
CA LEU B 35 1.24 -12.43 24.36
C LEU B 35 2.58 -11.85 24.79
N HIS B 36 2.62 -10.54 24.99
CA HIS B 36 3.86 -9.84 25.36
C HIS B 36 4.97 -10.20 24.37
N LYS B 37 4.67 -10.09 23.10
CA LYS B 37 5.65 -10.37 22.07
C LYS B 37 5.76 -9.19 21.11
N SER B 38 6.90 -9.08 20.43
CA SER B 38 7.08 -7.99 19.48
C SER B 38 6.28 -8.30 18.22
N VAL B 39 5.95 -7.26 17.46
CA VAL B 39 5.24 -7.40 16.21
C VAL B 39 6.03 -8.26 15.21
N ASP B 40 7.36 -8.17 15.27
CA ASP B 40 8.20 -8.92 14.36
C ASP B 40 8.20 -10.42 14.68
N GLU B 41 8.17 -10.75 15.96
CA GLU B 41 8.09 -12.14 16.40
C GLU B 41 6.72 -12.74 16.09
N LEU B 42 5.68 -11.96 16.30
CA LEU B 42 4.32 -12.42 16.03
C LEU B 42 4.16 -12.69 14.55
N ALA B 43 4.55 -11.71 13.73
CA ALA B 43 4.42 -11.80 12.28
C ALA B 43 5.23 -12.94 11.68
N ALA B 44 6.42 -13.18 12.23
CA ALA B 44 7.30 -14.21 11.71
C ALA B 44 6.76 -15.59 12.04
N SER B 45 6.24 -15.75 13.25
CA SER B 45 5.68 -17.02 13.70
C SER B 45 4.46 -17.38 12.86
N ALA B 46 3.65 -16.37 12.54
CA ALA B 46 2.47 -16.58 11.71
C ALA B 46 2.90 -17.01 10.31
N LEU B 47 3.99 -16.44 9.83
CA LEU B 47 4.52 -16.77 8.51
C LEU B 47 5.10 -18.18 8.48
N LYS B 48 5.75 -18.57 9.56
CA LYS B 48 6.31 -19.92 9.69
C LYS B 48 5.22 -20.99 9.67
N CYS B 49 4.10 -20.71 10.32
CA CYS B 49 2.97 -21.64 10.36
C CYS B 49 2.34 -21.78 8.97
N ALA B 50 2.19 -20.64 8.29
CA ALA B 50 1.54 -20.61 6.97
C ALA B 50 2.32 -21.41 5.92
N LEU B 51 3.63 -21.42 6.04
CA LEU B 51 4.48 -22.14 5.09
C LEU B 51 4.34 -23.63 5.33
N VAL B 52 4.33 -24.01 6.60
CA VAL B 52 4.08 -25.40 7.01
C VAL B 52 2.73 -25.88 6.48
N ASP B 53 1.71 -25.04 6.63
CA ASP B 53 0.36 -25.37 6.19
C ASP B 53 0.24 -25.48 4.67
N ALA B 54 1.13 -24.80 3.95
CA ALA B 54 1.06 -24.74 2.50
C ALA B 54 2.01 -25.73 1.84
N ASN B 55 2.80 -26.42 2.66
CA ASN B 55 3.84 -27.33 2.17
C ASN B 55 4.82 -26.58 1.27
N MET B 56 5.30 -25.44 1.77
CA MET B 56 6.27 -24.62 1.06
C MET B 56 7.38 -24.22 2.01
N LYS B 57 8.46 -23.67 1.47
CA LYS B 57 9.50 -23.08 2.29
C LYS B 57 9.73 -21.65 1.80
N GLN B 58 10.55 -20.89 2.53
CA GLN B 58 10.84 -19.50 2.16
C GLN B 58 11.25 -19.36 0.70
N CYS B 59 12.03 -20.31 0.20
CA CYS B 59 12.49 -20.29 -1.18
C CYS B 59 11.33 -20.31 -2.17
N ASP B 60 10.17 -20.78 -1.71
CA ASP B 60 9.01 -20.92 -2.58
C ASP B 60 8.19 -19.62 -2.60
N LEU B 61 8.43 -18.76 -1.62
CA LEU B 61 7.76 -17.46 -1.60
C LEU B 61 8.47 -16.54 -2.56
N GLN B 62 7.69 -15.74 -3.29
CA GLN B 62 8.26 -14.83 -4.28
C GLN B 62 7.69 -13.44 -4.10
N ALA B 63 6.89 -13.26 -3.05
CA ALA B 63 6.31 -11.95 -2.74
C ALA B 63 5.78 -11.90 -1.32
N LEU B 64 5.57 -10.69 -0.83
CA LEU B 64 5.08 -10.49 0.52
C LEU B 64 4.36 -9.16 0.63
N ILE B 65 3.12 -9.22 1.10
CA ILE B 65 2.37 -8.00 1.38
C ILE B 65 2.02 -7.99 2.86
N ALA B 66 2.13 -6.82 3.49
CA ALA B 66 1.83 -6.69 4.90
C ALA B 66 1.10 -5.38 5.16
N VAL B 67 0.66 -5.20 6.39
CA VAL B 67 -0.07 -4.01 6.78
C VAL B 67 0.64 -3.39 7.98
N PRO B 68 0.46 -2.07 8.19
CA PRO B 68 1.16 -1.39 9.28
C PRO B 68 0.78 -1.87 10.68
N SER B 69 1.70 -1.71 11.62
CA SER B 69 1.46 -2.08 13.01
C SER B 69 1.35 -0.81 13.86
N LEU B 70 0.35 -0.76 14.72
CA LEU B 70 0.16 0.39 15.59
C LEU B 70 1.06 0.31 16.82
N ALA B 71 1.35 -0.92 17.26
CA ALA B 71 2.17 -1.13 18.44
C ALA B 71 3.63 -0.87 18.11
N SER B 72 4.05 -1.30 16.94
CA SER B 72 5.41 -1.06 16.49
C SER B 72 5.42 -0.52 15.07
N PRO B 73 5.03 0.75 14.89
CA PRO B 73 5.01 1.36 13.56
C PRO B 73 6.41 1.37 12.98
N GLN B 74 6.55 0.93 11.74
CA GLN B 74 7.86 0.66 11.20
C GLN B 74 7.90 1.08 9.74
N PHE B 75 8.94 1.83 9.38
CA PHE B 75 9.15 2.26 8.00
C PHE B 75 9.31 1.06 7.09
N MET B 76 8.53 1.05 6.00
CA MET B 76 8.47 -0.08 5.08
C MET B 76 8.23 -1.37 5.87
N GLN B 77 7.13 -1.38 6.61
CA GLN B 77 6.81 -2.45 7.56
C GLN B 77 7.00 -3.85 6.98
N ALA B 78 6.46 -4.07 5.79
CA ALA B 78 6.60 -5.37 5.14
C ALA B 78 8.05 -5.71 4.84
N HIS B 79 8.82 -4.71 4.39
CA HIS B 79 10.23 -4.91 4.09
C HIS B 79 11.00 -5.22 5.36
N HIS B 80 10.67 -4.53 6.44
CA HIS B 80 11.32 -4.76 7.72
C HIS B 80 11.08 -6.18 8.23
N ILE B 81 9.84 -6.62 8.13
CA ILE B 81 9.44 -7.94 8.60
C ILE B 81 10.20 -9.00 7.80
N ALA B 82 10.15 -8.89 6.48
CA ALA B 82 10.81 -9.84 5.60
C ALA B 82 12.32 -9.87 5.82
N THR B 83 12.88 -8.71 6.19
CA THR B 83 14.32 -8.58 6.41
C THR B 83 14.75 -9.27 7.69
N VAL B 84 14.06 -8.99 8.78
CA VAL B 84 14.35 -9.62 10.07
C VAL B 84 14.08 -11.12 10.02
N ALA B 85 13.05 -11.50 9.26
CA ALA B 85 12.65 -12.90 9.15
C ALA B 85 13.68 -13.74 8.40
N GLY B 86 14.45 -13.09 7.53
CA GLY B 86 15.51 -13.78 6.82
C GLY B 86 15.11 -14.22 5.42
N LEU B 87 14.18 -13.50 4.81
CA LEU B 87 13.75 -13.82 3.46
C LEU B 87 14.87 -13.49 2.48
N PHE B 88 15.73 -12.57 2.89
CA PHE B 88 16.83 -12.07 2.07
C PHE B 88 18.18 -12.60 2.55
N PRO B 89 19.13 -12.81 1.62
CA PRO B 89 19.04 -12.53 0.18
C PRO B 89 18.30 -13.61 -0.62
N THR B 90 17.90 -13.26 -1.84
CA THR B 90 17.28 -14.23 -2.75
C THR B 90 17.82 -14.09 -4.17
N LYS B 91 17.99 -15.21 -4.87
CA LYS B 91 18.54 -15.20 -6.22
C LYS B 91 17.48 -14.88 -7.26
N GLY B 92 16.22 -14.95 -6.84
CA GLY B 92 15.12 -14.68 -7.74
C GLY B 92 14.39 -13.41 -7.34
N LYS B 93 13.40 -13.01 -8.13
CA LYS B 93 12.61 -11.84 -7.78
C LYS B 93 11.73 -12.10 -6.57
N PHE B 94 11.69 -11.12 -5.68
CA PHE B 94 10.87 -11.18 -4.48
C PHE B 94 10.28 -9.80 -4.30
N ILE B 95 8.98 -9.67 -4.57
CA ILE B 95 8.31 -8.37 -4.48
C ILE B 95 7.69 -8.16 -3.11
N VAL B 96 7.94 -6.99 -2.52
CA VAL B 96 7.43 -6.69 -1.19
C VAL B 96 6.67 -5.37 -1.22
N ARG B 97 5.52 -5.33 -0.56
CA ARG B 97 4.70 -4.12 -0.52
C ARG B 97 4.03 -3.97 0.84
N THR B 98 3.84 -2.72 1.26
CA THR B 98 3.04 -2.42 2.44
C THR B 98 1.84 -1.60 1.97
N VAL B 99 0.65 -2.01 2.37
CA VAL B 99 -0.57 -1.31 1.98
C VAL B 99 -1.41 -0.89 3.18
N ASP B 100 -2.03 0.28 3.09
CA ASP B 100 -2.83 0.80 4.19
C ASP B 100 -4.26 1.16 3.78
N THR B 101 -5.19 0.29 4.15
CA THR B 101 -6.61 0.59 4.07
C THR B 101 -7.26 0.30 5.42
N GLY B 102 -6.47 0.39 6.48
CA GLY B 102 -6.95 0.09 7.82
C GLY B 102 -7.29 -1.37 8.00
N GLY B 103 -8.42 -1.63 8.65
CA GLY B 103 -8.87 -2.99 8.90
C GLY B 103 -9.35 -3.70 7.64
N ALA B 104 -9.51 -2.93 6.56
CA ALA B 104 -9.87 -3.49 5.27
C ALA B 104 -8.64 -4.11 4.61
N GLY B 105 -7.48 -3.81 5.18
CA GLY B 105 -6.20 -4.18 4.62
C GLY B 105 -5.95 -5.61 4.14
N PRO B 106 -6.18 -6.61 5.01
CA PRO B 106 -5.87 -8.00 4.64
C PRO B 106 -6.63 -8.50 3.41
N ILE B 107 -7.84 -7.98 3.18
CA ILE B 107 -8.63 -8.38 2.02
C ILE B 107 -8.25 -7.54 0.80
N THR B 108 -7.94 -6.27 1.05
CA THR B 108 -7.40 -5.40 0.00
C THR B 108 -6.13 -6.05 -0.56
N ALA B 109 -5.25 -6.47 0.34
CA ALA B 109 -4.01 -7.12 -0.03
C ALA B 109 -4.25 -8.46 -0.71
N LEU B 110 -5.35 -9.11 -0.35
CA LEU B 110 -5.70 -10.40 -0.94
C LEU B 110 -5.99 -10.24 -2.43
N GLY B 111 -6.74 -9.20 -2.78
CA GLY B 111 -7.03 -8.91 -4.18
C GLY B 111 -5.77 -8.54 -4.94
N MET B 112 -4.90 -7.80 -4.26
CA MET B 112 -3.61 -7.43 -4.84
C MET B 112 -2.74 -8.66 -5.07
N ALA B 113 -2.79 -9.60 -4.13
CA ALA B 113 -2.00 -10.83 -4.22
C ALA B 113 -2.43 -11.69 -5.40
N VAL B 114 -3.74 -11.77 -5.62
CA VAL B 114 -4.29 -12.51 -6.75
C VAL B 114 -3.91 -11.80 -8.04
N ASP B 115 -4.05 -10.48 -8.03
CA ASP B 115 -3.66 -9.62 -9.13
C ASP B 115 -2.22 -9.90 -9.54
N LEU B 116 -1.33 -10.00 -8.54
CA LEU B 116 0.08 -10.29 -8.79
C LEU B 116 0.29 -11.64 -9.48
N VAL B 117 -0.59 -12.59 -9.21
CA VAL B 117 -0.50 -13.92 -9.82
C VAL B 117 -1.05 -13.89 -11.25
N ARG B 118 -2.13 -13.15 -11.45
CA ARG B 118 -2.81 -13.12 -12.74
C ARG B 118 -2.04 -12.30 -13.79
N THR B 119 -1.17 -11.42 -13.32
CA THR B 119 -0.30 -10.65 -14.20
C THR B 119 1.05 -11.34 -14.29
N ARG B 120 1.20 -12.44 -13.55
CA ARG B 120 2.43 -13.23 -13.52
C ARG B 120 3.65 -12.50 -12.99
N CYS B 121 3.42 -11.53 -12.11
CA CYS B 121 4.52 -10.83 -11.44
C CYS B 121 5.04 -11.64 -10.26
N ALA B 122 4.27 -12.64 -9.84
CA ALA B 122 4.62 -13.47 -8.70
C ALA B 122 3.82 -14.77 -8.70
N GLU B 123 4.52 -15.87 -8.46
CA GLU B 123 3.89 -17.19 -8.46
C GLU B 123 3.22 -17.45 -7.12
N THR B 124 3.89 -17.03 -6.05
CA THR B 124 3.39 -17.17 -4.69
C THR B 124 3.41 -15.83 -3.94
N VAL B 125 2.38 -15.54 -3.17
CA VAL B 125 2.32 -14.28 -2.42
C VAL B 125 1.93 -14.51 -0.97
N ALA B 126 2.73 -13.98 -0.05
CA ALA B 126 2.41 -14.01 1.36
C ALA B 126 1.64 -12.74 1.75
N VAL B 127 0.63 -12.89 2.59
CA VAL B 127 -0.13 -11.75 3.09
C VAL B 127 -0.11 -11.77 4.61
N ILE B 128 0.34 -10.69 5.22
CA ILE B 128 0.59 -10.67 6.66
C ILE B 128 -0.04 -9.48 7.37
N ALA B 129 -0.65 -9.75 8.52
CA ALA B 129 -1.16 -8.71 9.40
C ALA B 129 -0.74 -9.08 10.81
N ALA B 130 -0.15 -8.12 11.52
CA ALA B 130 0.36 -8.37 12.86
C ALA B 130 0.29 -7.10 13.70
N ASP B 131 -0.10 -7.26 14.95
CA ASP B 131 -0.13 -6.14 15.89
C ASP B 131 -0.22 -6.62 17.33
N ALA B 132 0.06 -5.71 18.26
CA ALA B 132 0.02 -6.02 19.67
C ALA B 132 -0.53 -4.83 20.43
N VAL B 133 -1.79 -4.49 20.18
CA VAL B 133 -2.40 -3.31 20.77
C VAL B 133 -2.90 -3.52 22.19
N LEU B 134 -2.74 -4.74 22.70
CA LEU B 134 -3.08 -5.01 24.10
C LEU B 134 -1.81 -4.94 24.95
N SER B 135 -0.73 -5.50 24.43
CA SER B 135 0.56 -5.44 25.10
C SER B 135 1.16 -4.03 25.08
N MET B 136 0.62 -3.18 24.19
CA MET B 136 1.16 -1.84 24.01
C MET B 136 0.78 -0.91 25.15
N GLY B 137 -0.33 -1.22 25.81
CA GLY B 137 -0.77 -0.41 26.94
C GLY B 137 -1.99 0.44 26.60
N SER B 138 -2.79 0.77 27.61
CA SER B 138 -4.04 1.49 27.41
C SER B 138 -3.81 2.92 26.95
N GLY B 139 -2.77 3.56 27.46
CA GLY B 139 -2.50 4.95 27.15
C GLY B 139 -1.86 5.09 25.79
N ALA B 140 -0.89 4.22 25.51
CA ALA B 140 -0.26 4.18 24.19
C ALA B 140 -1.32 3.96 23.11
N PHE B 141 -2.19 2.97 23.32
CA PHE B 141 -3.24 2.68 22.34
C PHE B 141 -4.21 3.85 22.17
N ALA B 142 -4.61 4.45 23.29
CA ALA B 142 -5.61 5.52 23.26
C ALA B 142 -5.12 6.73 22.50
N GLU B 143 -3.87 7.12 22.75
CA GLU B 143 -3.29 8.29 22.09
C GLU B 143 -3.14 8.11 20.59
N ARG B 144 -2.64 6.95 20.17
CA ARG B 144 -2.39 6.67 18.75
C ARG B 144 -3.64 6.45 17.91
N SER B 145 -4.66 5.81 18.50
CA SER B 145 -5.90 5.60 17.78
C SER B 145 -6.58 6.95 17.60
N ASN B 146 -6.50 7.78 18.64
CA ASN B 146 -7.02 9.15 18.57
C ASN B 146 -6.21 10.03 17.64
N ALA B 147 -4.88 9.87 17.70
CA ALA B 147 -3.98 10.62 16.83
C ALA B 147 -4.23 10.27 15.37
N SER B 148 -4.60 9.02 15.12
CA SER B 148 -4.89 8.54 13.77
C SER B 148 -6.02 9.30 13.10
N LEU B 149 -6.85 9.96 13.90
CA LEU B 149 -7.99 10.70 13.38
C LEU B 149 -7.92 12.19 13.67
N ARG B 150 -6.72 12.78 13.60
CA ARG B 150 -6.60 14.22 13.76
C ARG B 150 -7.22 14.95 12.58
N ARG B 151 -7.71 16.16 12.83
CA ARG B 151 -8.45 16.99 11.87
C ARG B 151 -9.87 16.48 11.63
N SER B 152 -10.27 15.43 12.34
CA SER B 152 -11.63 14.90 12.24
C SER B 152 -12.59 15.76 13.03
N GLY B 153 -12.08 16.39 14.09
CA GLY B 153 -12.90 17.17 14.98
C GLY B 153 -13.69 16.26 15.91
N LEU B 154 -13.29 14.99 15.94
CA LEU B 154 -13.92 14.01 16.83
C LEU B 154 -13.30 14.03 18.22
N PRO B 155 -14.16 14.07 19.25
CA PRO B 155 -13.73 13.98 20.65
C PRO B 155 -13.21 12.58 20.97
N GLU B 156 -12.31 12.48 21.95
CA GLU B 156 -11.71 11.20 22.31
C GLU B 156 -12.68 10.34 23.12
N PRO B 157 -12.69 9.02 22.87
CA PRO B 157 -11.90 8.35 21.83
C PRO B 157 -12.51 8.58 20.45
N CYS B 158 -11.66 8.88 19.46
CA CYS B 158 -12.13 9.40 18.18
C CYS B 158 -12.92 8.39 17.36
N ILE B 159 -12.36 7.20 17.18
CA ILE B 159 -13.00 6.15 16.38
C ILE B 159 -14.40 5.72 16.89
N PRO B 160 -14.54 5.41 18.20
CA PRO B 160 -15.89 5.06 18.67
C PRO B 160 -16.90 6.17 18.41
N HIS B 161 -16.49 7.42 18.62
CA HIS B 161 -17.36 8.57 18.38
C HIS B 161 -17.75 8.73 16.91
N GLY B 162 -16.84 8.36 16.02
CA GLY B 162 -17.11 8.44 14.59
C GLY B 162 -18.22 7.49 14.17
N TYR B 163 -18.09 6.23 14.59
CA TYR B 163 -19.11 5.23 14.33
C TYR B 163 -20.40 5.55 15.08
N ASP B 164 -20.25 6.16 16.25
CA ASP B 164 -21.39 6.60 17.06
C ASP B 164 -22.31 7.53 16.27
N ARG B 165 -21.72 8.47 15.55
CA ARG B 165 -22.49 9.44 14.77
C ARG B 165 -23.28 8.75 13.66
N TYR B 166 -22.65 7.77 13.01
CA TYR B 166 -23.30 7.01 11.94
C TYR B 166 -24.43 6.15 12.50
N ALA B 167 -24.24 5.64 13.71
CA ALA B 167 -25.27 4.85 14.37
C ALA B 167 -26.50 5.70 14.66
N GLN B 168 -26.28 6.89 15.21
CA GLN B 168 -27.35 7.84 15.48
C GLN B 168 -28.06 8.25 14.20
N TRP B 169 -27.33 8.32 13.11
CA TRP B 169 -27.90 8.67 11.82
C TRP B 169 -28.81 7.54 11.35
N TYR B 170 -28.39 6.30 11.61
CA TYR B 170 -29.19 5.13 11.26
C TYR B 170 -30.49 5.12 12.03
N MET B 171 -30.42 5.54 13.29
CA MET B 171 -31.60 5.59 14.16
C MET B 171 -32.65 6.60 13.67
N SER B 172 -32.19 7.73 13.15
CA SER B 172 -33.09 8.78 12.68
C SER B 172 -33.65 8.50 11.29
N ARG B 173 -32.83 7.90 10.44
CA ARG B 173 -33.19 7.70 9.04
C ARG B 173 -33.98 6.41 8.81
N TYR B 174 -33.55 5.34 9.46
CA TYR B 174 -34.14 4.02 9.22
C TYR B 174 -34.99 3.49 10.37
N GLY B 175 -34.92 4.15 11.52
CA GLY B 175 -35.68 3.71 12.69
C GLY B 175 -35.01 2.59 13.47
N LEU B 176 -33.69 2.67 13.59
CA LEU B 176 -32.93 1.74 14.42
C LEU B 176 -33.17 2.03 15.90
N LYS B 177 -33.11 1.01 16.74
CA LYS B 177 -33.29 1.17 18.18
C LYS B 177 -32.00 0.88 18.94
N ARG B 178 -31.77 1.64 20.01
CA ARG B 178 -30.58 1.53 20.85
C ARG B 178 -30.27 0.11 21.32
N GLU B 179 -31.31 -0.65 21.68
CA GLU B 179 -31.10 -1.99 22.21
C GLU B 179 -30.66 -2.95 21.10
N GLN B 180 -31.05 -2.64 19.87
CA GLN B 180 -30.68 -3.42 18.71
C GLN B 180 -29.18 -3.33 18.39
N LEU B 181 -28.55 -2.22 18.77
CA LEU B 181 -27.10 -2.10 18.67
C LEU B 181 -26.45 -3.06 19.66
N ALA B 182 -26.92 -3.01 20.91
CA ALA B 182 -26.34 -3.80 21.99
C ALA B 182 -26.50 -5.31 21.81
N MET B 183 -27.39 -5.72 20.91
CA MET B 183 -27.59 -7.14 20.63
C MET B 183 -26.43 -7.72 19.83
N VAL B 184 -25.72 -6.87 19.09
CA VAL B 184 -24.57 -7.32 18.32
C VAL B 184 -23.50 -7.98 19.19
N PRO B 185 -23.05 -7.31 20.27
CA PRO B 185 -22.08 -8.00 21.14
C PRO B 185 -22.67 -9.22 21.83
N VAL B 186 -23.98 -9.22 22.09
CA VAL B 186 -24.64 -10.37 22.70
C VAL B 186 -24.54 -11.58 21.78
N LEU B 187 -24.96 -11.40 20.53
CA LEU B 187 -24.89 -12.45 19.52
C LEU B 187 -23.45 -12.93 19.29
N MET B 188 -22.51 -12.00 19.32
CA MET B 188 -21.10 -12.35 19.12
C MET B 188 -20.54 -13.11 20.31
N SER B 189 -20.94 -12.71 21.51
CA SER B 189 -20.52 -13.38 22.72
C SER B 189 -21.02 -14.82 22.73
N LYS B 190 -22.16 -15.06 22.09
CA LYS B 190 -22.73 -16.40 21.97
C LYS B 190 -21.86 -17.25 21.06
N MET B 191 -21.42 -16.67 19.95
CA MET B 191 -20.51 -17.34 19.04
C MET B 191 -19.16 -17.57 19.73
N ALA B 192 -18.74 -16.57 20.49
CA ALA B 192 -17.43 -16.55 21.13
C ALA B 192 -17.26 -17.68 22.15
N GLU B 193 -18.32 -17.98 22.90
CA GLU B 193 -18.24 -19.01 23.94
C GLU B 193 -18.03 -20.42 23.41
N ARG B 194 -18.28 -20.61 22.11
CA ARG B 194 -17.99 -21.88 21.47
C ARG B 194 -16.59 -21.95 20.87
N HIS B 195 -15.84 -20.86 20.99
CA HIS B 195 -14.48 -20.83 20.47
C HIS B 195 -13.49 -20.69 21.61
N PRO B 196 -12.67 -21.74 21.80
CA PRO B 196 -11.68 -21.86 22.88
C PRO B 196 -10.71 -20.68 22.94
N GLU B 197 -10.47 -20.05 21.80
CA GLU B 197 -9.47 -19.00 21.71
C GLU B 197 -10.05 -17.59 21.84
N ALA B 198 -11.37 -17.48 21.63
CA ALA B 198 -12.04 -16.19 21.77
C ALA B 198 -11.79 -15.64 23.17
N MET B 199 -11.65 -14.33 23.28
CA MET B 199 -11.31 -13.73 24.57
C MET B 199 -12.52 -13.56 25.48
N CYS B 200 -13.71 -13.47 24.88
CA CYS B 200 -14.94 -13.49 25.65
C CYS B 200 -15.46 -14.93 25.66
N GLN B 201 -15.43 -15.56 26.84
CA GLN B 201 -15.88 -16.95 26.95
C GLN B 201 -17.27 -17.10 27.55
N LYS B 202 -17.76 -16.08 28.24
CA LYS B 202 -19.13 -16.11 28.76
C LYS B 202 -20.01 -15.09 28.04
N ALA B 203 -21.05 -15.59 27.38
CA ALA B 203 -21.96 -14.75 26.61
C ALA B 203 -22.65 -13.66 27.43
N TYR B 204 -22.97 -12.55 26.76
CA TYR B 204 -23.59 -11.40 27.41
C TYR B 204 -25.10 -11.50 27.36
N THR B 205 -25.77 -10.83 28.31
CA THR B 205 -27.21 -10.62 28.21
C THR B 205 -27.39 -9.20 27.67
N LEU B 206 -28.53 -8.95 27.02
CA LEU B 206 -28.81 -7.64 26.43
C LEU B 206 -28.78 -6.48 27.42
N ASP B 207 -29.23 -6.70 28.65
CA ASP B 207 -29.20 -5.67 29.68
C ASP B 207 -27.79 -5.46 30.24
N GLU B 208 -26.99 -6.53 30.21
CA GLU B 208 -25.63 -6.51 30.72
C GLU B 208 -24.73 -5.56 29.92
N VAL B 209 -24.93 -5.56 28.61
CA VAL B 209 -24.14 -4.72 27.69
C VAL B 209 -24.49 -3.26 27.94
N LEU B 210 -25.78 -3.00 28.11
CA LEU B 210 -26.32 -1.66 28.34
C LEU B 210 -25.79 -1.01 29.63
N HIS B 211 -25.37 -1.83 30.59
CA HIS B 211 -24.87 -1.31 31.87
C HIS B 211 -23.36 -1.08 31.87
N SER B 212 -22.68 -1.50 30.80
CA SER B 212 -21.25 -1.27 30.67
C SER B 212 -20.95 0.22 30.54
N ARG B 213 -19.75 0.63 30.96
CA ARG B 213 -19.36 2.04 30.94
C ARG B 213 -19.55 2.62 29.52
N CYS B 214 -20.13 3.82 29.47
CA CYS B 214 -20.32 4.52 28.21
C CYS B 214 -19.02 5.11 27.68
N VAL B 215 -18.81 4.97 26.37
CA VAL B 215 -17.69 5.62 25.70
C VAL B 215 -18.25 6.70 24.76
N ALA B 216 -19.49 6.48 24.29
CA ALA B 216 -20.17 7.39 23.39
C ALA B 216 -21.68 7.19 23.51
N PRO B 217 -22.47 8.23 23.21
CA PRO B 217 -23.94 8.27 23.29
C PRO B 217 -24.69 6.96 23.07
N VAL B 218 -24.31 6.19 22.05
CA VAL B 218 -24.95 4.90 21.80
C VAL B 218 -23.93 3.76 21.77
N THR B 219 -22.80 3.95 22.44
CA THR B 219 -21.74 2.96 22.43
C THR B 219 -21.14 2.77 23.82
N ASN B 220 -21.23 1.54 24.31
CA ASN B 220 -20.70 1.19 25.63
C ASN B 220 -19.45 0.34 25.51
N LEU B 221 -18.81 0.07 26.64
CA LEU B 221 -17.53 -0.63 26.68
C LEU B 221 -17.59 -1.97 25.94
N LEU B 222 -18.66 -2.71 26.15
CA LEU B 222 -18.81 -4.03 25.55
C LEU B 222 -19.29 -3.95 24.10
N GLU B 223 -19.56 -2.73 23.62
CA GLU B 223 -19.92 -2.53 22.23
C GLU B 223 -18.70 -2.19 21.39
N CYS B 224 -17.55 -2.05 22.05
CA CYS B 224 -16.29 -1.71 21.39
C CYS B 224 -15.44 -2.93 21.07
N ALA B 225 -14.74 -2.88 19.95
CA ALA B 225 -13.86 -3.97 19.53
C ALA B 225 -12.83 -4.29 20.61
N ARG B 226 -12.49 -5.58 20.73
CA ARG B 226 -11.69 -6.09 21.84
C ARG B 226 -10.19 -6.04 21.53
N ARG B 227 -9.45 -5.22 22.30
CA ARG B 227 -8.01 -5.07 22.08
C ARG B 227 -7.29 -6.40 22.23
N ALA B 228 -6.41 -6.71 21.29
CA ALA B 228 -5.71 -7.99 21.29
C ALA B 228 -4.34 -7.92 20.62
N ASP B 229 -3.50 -8.90 20.92
CA ASP B 229 -2.28 -9.12 20.16
C ASP B 229 -2.54 -10.30 19.23
N GLY B 230 -1.89 -10.32 18.08
CA GLY B 230 -2.04 -11.44 17.17
C GLY B 230 -1.53 -11.18 15.77
N ALA B 231 -1.12 -12.25 15.10
CA ALA B 231 -0.62 -12.15 13.74
C ALA B 231 -1.19 -13.30 12.91
N VAL B 232 -1.50 -13.02 11.66
CA VAL B 232 -2.01 -14.05 10.76
C VAL B 232 -1.32 -13.94 9.41
N ALA B 233 -0.92 -15.08 8.86
CA ALA B 233 -0.27 -15.09 7.55
C ALA B 233 -1.03 -15.98 6.56
N LEU B 234 -1.27 -15.46 5.37
CA LEU B 234 -1.88 -16.23 4.30
C LEU B 234 -0.91 -16.39 3.15
N ILE B 235 -1.04 -17.49 2.41
CA ILE B 235 -0.23 -17.71 1.21
C ILE B 235 -1.12 -17.86 -0.02
N VAL B 236 -0.93 -16.95 -0.96
CA VAL B 236 -1.72 -16.91 -2.19
C VAL B 236 -0.94 -17.53 -3.33
N SER B 237 -1.62 -18.32 -4.15
CA SER B 237 -0.97 -19.01 -5.27
C SER B 237 -1.98 -19.40 -6.35
N GLY B 238 -1.48 -19.65 -7.55
CA GLY B 238 -2.31 -20.13 -8.63
C GLY B 238 -2.58 -21.61 -8.41
N GLU B 239 -3.78 -22.06 -8.75
CA GLU B 239 -4.16 -23.45 -8.53
C GLU B 239 -3.29 -24.42 -9.30
N ALA B 240 -3.22 -24.22 -10.61
CA ALA B 240 -2.44 -25.08 -11.48
C ALA B 240 -0.98 -25.11 -11.04
N HIS B 241 -0.49 -23.96 -10.60
CA HIS B 241 0.88 -23.83 -10.11
C HIS B 241 1.12 -24.64 -8.84
N TYR B 242 0.25 -24.46 -7.86
CA TYR B 242 0.40 -25.13 -6.56
C TYR B 242 0.27 -26.64 -6.60
N ALA B 243 -0.69 -27.13 -7.39
CA ALA B 243 -0.96 -28.56 -7.48
C ALA B 243 0.27 -29.35 -7.91
N GLU B 244 1.01 -28.79 -8.87
CA GLU B 244 2.18 -29.44 -9.44
C GLU B 244 3.35 -29.58 -8.46
N HIS B 245 3.57 -28.56 -7.62
CA HIS B 245 4.82 -28.48 -6.88
C HIS B 245 4.75 -28.76 -5.37
N PHE B 246 3.62 -28.46 -4.73
CA PHE B 246 3.57 -28.55 -3.27
C PHE B 246 2.40 -29.37 -2.74
N ALA B 247 1.39 -29.57 -3.58
CA ALA B 247 0.21 -30.34 -3.17
C ALA B 247 0.58 -31.80 -2.91
N GLN B 248 1.26 -32.04 -1.79
CA GLN B 248 1.62 -33.39 -1.38
C GLN B 248 0.93 -33.73 -0.06
N GLY B 249 0.09 -34.75 -0.09
CA GLY B 249 -0.64 -35.17 1.09
C GLY B 249 -1.95 -35.82 0.71
N LYS B 250 -2.32 -36.87 1.45
CA LYS B 250 -3.52 -37.63 1.12
C LYS B 250 -4.64 -37.29 2.08
N GLN B 251 -4.94 -36.00 2.18
CA GLN B 251 -6.14 -35.55 2.85
C GLN B 251 -7.23 -35.62 1.79
N GLU B 252 -8.43 -35.97 2.21
CA GLU B 252 -9.57 -36.10 1.31
C GLU B 252 -9.74 -34.83 0.47
N GLN B 253 -10.14 -35.01 -0.80
CA GLN B 253 -10.26 -33.88 -1.71
C GLN B 253 -11.43 -32.99 -1.32
N ARG B 254 -12.42 -33.59 -0.70
CA ARG B 254 -13.44 -32.84 0.01
C ARG B 254 -12.68 -32.29 1.21
N HIS B 255 -12.89 -31.00 1.49
CA HIS B 255 -12.17 -30.28 2.55
C HIS B 255 -10.73 -29.98 2.14
N LEU B 256 -10.40 -30.29 0.89
CA LEU B 256 -9.11 -29.89 0.30
C LEU B 256 -9.38 -28.66 -0.55
N GLY B 257 -10.57 -28.63 -1.16
CA GLY B 257 -11.04 -27.43 -1.81
C GLY B 257 -11.29 -26.43 -0.69
N GLY B 258 -11.89 -26.93 0.38
CA GLY B 258 -11.97 -26.18 1.63
C GLY B 258 -10.58 -26.22 2.20
N SER B 259 -10.30 -25.41 3.22
CA SER B 259 -8.95 -25.31 3.80
C SER B 259 -7.97 -24.63 2.83
N LYS B 260 -8.14 -24.86 1.54
CA LYS B 260 -7.38 -24.14 0.52
C LYS B 260 -8.34 -23.56 -0.52
N PRO B 261 -9.19 -22.60 -0.10
CA PRO B 261 -10.30 -22.10 -0.91
C PRO B 261 -9.91 -21.25 -2.11
N ILE B 262 -10.80 -21.19 -3.10
CA ILE B 262 -10.61 -20.33 -4.27
C ILE B 262 -11.10 -18.93 -3.96
N ILE B 263 -10.28 -17.92 -4.24
CA ILE B 263 -10.70 -16.54 -4.12
C ILE B 263 -11.51 -16.15 -5.35
N ALA B 264 -12.84 -16.20 -5.21
CA ALA B 264 -13.75 -16.03 -6.33
C ALA B 264 -13.80 -14.58 -6.80
N SER B 265 -13.73 -13.66 -5.85
CA SER B 265 -13.74 -12.24 -6.17
C SER B 265 -13.20 -11.40 -5.04
N VAL B 266 -12.66 -10.24 -5.40
CA VAL B 266 -12.27 -9.22 -4.43
C VAL B 266 -12.72 -7.91 -5.03
N ALA B 267 -13.22 -7.01 -4.20
CA ALA B 267 -13.70 -5.72 -4.67
C ALA B 267 -13.54 -4.68 -3.59
N GLU B 268 -13.45 -3.42 -3.98
CA GLU B 268 -13.20 -2.36 -3.02
C GLU B 268 -14.03 -1.13 -3.34
N ALA B 269 -14.24 -0.33 -2.30
CA ALA B 269 -14.85 0.98 -2.41
C ALA B 269 -14.42 1.72 -1.17
N SER B 270 -14.55 3.05 -1.18
CA SER B 270 -13.99 3.84 -0.10
C SER B 270 -14.90 5.02 0.22
N GLY B 271 -14.56 5.71 1.30
CA GLY B 271 -15.27 6.92 1.69
C GLY B 271 -14.37 7.70 2.62
N PRO B 272 -14.90 8.80 3.18
CA PRO B 272 -14.12 9.69 4.03
C PRO B 272 -13.55 8.98 5.25
N LEU B 273 -12.42 9.47 5.76
CA LEU B 273 -11.74 8.82 6.87
C LEU B 273 -12.54 9.04 8.13
N PHE B 274 -13.34 10.10 8.12
CA PHE B 274 -14.18 10.47 9.26
C PHE B 274 -15.44 11.21 8.77
N PRO B 275 -16.52 11.15 9.58
CA PRO B 275 -17.80 11.80 9.24
C PRO B 275 -17.73 13.32 9.33
N PRO B 276 -18.67 14.02 8.65
CA PRO B 276 -18.78 15.49 8.64
C PRO B 276 -19.02 16.09 10.03
N GLY B 277 -19.16 17.42 10.07
CA GLY B 277 -19.40 18.14 11.31
C GLY B 277 -20.86 18.28 11.70
N SER B 278 -21.75 17.87 10.80
CA SER B 278 -23.17 17.88 11.09
C SER B 278 -23.66 16.46 11.30
N SER B 279 -24.72 16.08 10.61
CA SER B 279 -25.25 14.72 10.69
C SER B 279 -26.24 14.53 9.56
N ASP B 280 -26.92 15.62 9.22
CA ASP B 280 -27.94 15.64 8.19
C ASP B 280 -27.32 15.84 6.82
N ASP B 281 -25.99 15.75 6.75
CA ASP B 281 -25.28 15.78 5.48
C ASP B 281 -24.85 14.38 5.11
N ILE B 282 -24.99 13.47 6.07
CA ILE B 282 -24.68 12.05 5.86
C ILE B 282 -25.74 11.44 4.94
N VAL B 283 -25.27 10.64 3.98
CA VAL B 283 -26.08 10.15 2.89
C VAL B 283 -25.71 8.69 2.62
N PRO B 284 -26.69 7.84 2.30
CA PRO B 284 -26.52 6.39 2.10
C PRO B 284 -25.29 6.02 1.26
N ASP B 285 -24.90 6.85 0.31
CA ASP B 285 -23.78 6.52 -0.57
C ASP B 285 -22.43 6.88 0.06
N ILE B 286 -22.44 7.23 1.35
CA ILE B 286 -21.19 7.36 2.11
C ILE B 286 -20.67 5.96 2.36
N PHE B 287 -21.60 5.02 2.57
CA PHE B 287 -21.23 3.65 2.87
C PHE B 287 -20.82 2.96 1.58
N SER B 288 -19.82 2.09 1.69
CA SER B 288 -19.15 1.56 0.51
C SER B 288 -19.20 0.05 0.50
N CYS B 289 -19.72 -0.53 1.58
CA CYS B 289 -19.85 -1.97 1.68
C CYS B 289 -20.81 -2.45 0.61
N ARG B 290 -21.81 -1.64 0.32
CA ARG B 290 -22.84 -2.00 -0.65
C ARG B 290 -22.21 -2.08 -2.03
N HIS B 291 -21.37 -1.10 -2.34
CA HIS B 291 -20.68 -1.04 -3.62
C HIS B 291 -19.69 -2.19 -3.76
N ALA B 292 -18.88 -2.39 -2.73
CA ALA B 292 -17.89 -3.47 -2.71
C ALA B 292 -18.54 -4.85 -2.84
N ALA B 293 -19.57 -5.09 -2.04
CA ALA B 293 -20.28 -6.36 -2.08
C ALA B 293 -20.91 -6.65 -3.44
N ARG B 294 -21.57 -5.63 -4.01
CA ARG B 294 -22.21 -5.80 -5.33
C ARG B 294 -21.22 -6.19 -6.41
N ASP B 295 -20.08 -5.51 -6.45
CA ASP B 295 -19.08 -5.76 -7.48
C ASP B 295 -18.44 -7.11 -7.23
N ALA B 296 -18.27 -7.47 -5.96
CA ALA B 296 -17.74 -8.77 -5.59
C ALA B 296 -18.71 -9.87 -6.00
N PHE B 297 -20.00 -9.62 -5.82
CA PHE B 297 -21.02 -10.56 -6.25
C PHE B 297 -21.09 -10.65 -7.77
N LEU B 298 -21.07 -9.49 -8.43
CA LEU B 298 -21.04 -9.43 -9.90
C LEU B 298 -19.82 -10.17 -10.44
N SER B 299 -18.66 -9.88 -9.87
CA SER B 299 -17.41 -10.50 -10.32
C SER B 299 -17.38 -12.01 -10.05
N ALA B 300 -18.18 -12.46 -9.08
CA ALA B 300 -18.23 -13.88 -8.75
C ALA B 300 -19.43 -14.55 -9.40
N ASN B 301 -20.33 -13.73 -9.94
CA ASN B 301 -21.59 -14.21 -10.51
C ASN B 301 -22.41 -15.02 -9.50
N LEU B 302 -22.67 -14.42 -8.35
CA LEU B 302 -23.45 -15.04 -7.30
C LEU B 302 -24.37 -14.02 -6.64
N ASN B 303 -25.24 -14.48 -5.76
CA ASN B 303 -26.05 -13.59 -4.93
C ASN B 303 -25.90 -13.97 -3.46
N VAL B 304 -26.55 -13.20 -2.61
CA VAL B 304 -26.44 -13.39 -1.16
C VAL B 304 -27.01 -14.74 -0.76
N GLY B 305 -27.94 -15.25 -1.57
CA GLY B 305 -28.56 -16.53 -1.31
C GLY B 305 -27.67 -17.72 -1.59
N ASP B 306 -26.58 -17.47 -2.32
CA ASP B 306 -25.64 -18.55 -2.64
C ASP B 306 -24.54 -18.63 -1.59
N ILE B 307 -24.48 -17.64 -0.71
CA ILE B 307 -23.50 -17.61 0.36
C ILE B 307 -24.10 -18.17 1.64
N HIS B 308 -23.39 -19.10 2.28
CA HIS B 308 -23.90 -19.74 3.47
C HIS B 308 -22.99 -19.60 4.69
N PHE B 309 -21.97 -18.75 4.57
CA PHE B 309 -21.26 -18.26 5.74
C PHE B 309 -20.79 -16.83 5.53
N PHE B 310 -20.87 -16.01 6.57
CA PHE B 310 -20.51 -14.61 6.47
C PHE B 310 -19.52 -14.20 7.57
N GLY B 311 -18.30 -13.87 7.17
CA GLY B 311 -17.34 -13.28 8.08
C GLY B 311 -17.35 -11.79 7.90
N LEU B 312 -18.08 -11.09 8.77
CA LEU B 312 -18.32 -9.66 8.58
C LEU B 312 -17.68 -8.79 9.65
N TYR B 313 -17.00 -7.74 9.21
CA TYR B 313 -16.32 -6.81 10.09
C TYR B 313 -17.33 -6.21 11.07
N ASP B 314 -16.99 -6.20 12.34
CA ASP B 314 -17.92 -5.77 13.38
C ASP B 314 -17.21 -5.00 14.49
N CYS B 315 -16.48 -3.96 14.10
CA CYS B 315 -15.77 -3.11 15.04
C CYS B 315 -16.75 -2.52 16.05
N PHE B 316 -17.93 -2.15 15.54
CA PHE B 316 -19.02 -1.67 16.37
C PHE B 316 -20.33 -2.20 15.79
N PRO B 317 -21.39 -2.26 16.61
CA PRO B 317 -22.65 -2.86 16.17
C PRO B 317 -23.18 -2.24 14.87
N ILE B 318 -23.08 -0.92 14.74
CA ILE B 318 -23.53 -0.24 13.53
C ILE B 318 -22.81 -0.75 12.28
N CYS B 319 -21.57 -1.22 12.46
CA CYS B 319 -20.80 -1.73 11.34
C CYS B 319 -21.35 -3.08 10.87
N LEU B 320 -21.64 -3.95 11.82
CA LEU B 320 -22.21 -5.25 11.48
C LEU B 320 -23.64 -5.08 10.96
N ILE B 321 -24.35 -4.12 11.56
CA ILE B 321 -25.70 -3.80 11.11
C ILE B 321 -25.70 -3.29 9.68
N GLN B 322 -24.80 -2.35 9.39
CA GLN B 322 -24.67 -1.81 8.03
C GLN B 322 -24.19 -2.90 7.07
N ALA B 323 -23.36 -3.82 7.57
CA ALA B 323 -22.81 -4.88 6.74
C ALA B 323 -23.88 -5.84 6.22
N VAL B 324 -24.71 -6.36 7.12
CA VAL B 324 -25.72 -7.34 6.74
C VAL B 324 -26.75 -6.78 5.77
N GLU B 325 -27.10 -5.51 5.94
CA GLU B 325 -27.92 -4.80 4.97
C GLU B 325 -27.21 -4.67 3.64
N ALA B 326 -25.92 -4.33 3.70
CA ALA B 326 -25.14 -4.06 2.50
C ALA B 326 -24.99 -5.31 1.64
N VAL B 327 -24.66 -6.43 2.27
CA VAL B 327 -24.48 -7.68 1.54
C VAL B 327 -25.79 -8.36 1.18
N GLY B 328 -26.91 -7.84 1.69
CA GLY B 328 -28.22 -8.31 1.32
C GLY B 328 -28.75 -9.46 2.17
N LEU B 329 -28.48 -9.42 3.47
CA LEU B 329 -29.02 -10.41 4.38
C LEU B 329 -30.35 -9.92 4.94
N CYS B 330 -30.53 -8.61 4.87
CA CYS B 330 -31.73 -7.94 5.32
C CYS B 330 -31.84 -6.65 4.53
N PRO B 331 -33.05 -6.12 4.38
CA PRO B 331 -33.27 -4.89 3.61
C PRO B 331 -32.50 -3.71 4.19
N GLU B 332 -32.37 -2.63 3.42
CA GLU B 332 -31.67 -1.45 3.89
C GLU B 332 -32.44 -0.84 5.04
N GLY B 333 -31.74 -0.54 6.13
CA GLY B 333 -32.38 0.05 7.29
C GLY B 333 -32.90 -0.98 8.28
N LYS B 334 -32.81 -2.25 7.91
CA LYS B 334 -33.46 -3.30 8.68
C LYS B 334 -32.46 -4.21 9.38
N GLY B 335 -31.22 -3.74 9.53
CA GLY B 335 -30.18 -4.56 10.12
C GLY B 335 -30.28 -4.69 11.62
N GLY B 336 -30.78 -3.63 12.27
CA GLY B 336 -30.99 -3.67 13.71
C GLY B 336 -32.11 -4.61 14.07
N GLU B 337 -33.14 -4.62 13.24
CA GLU B 337 -34.29 -5.51 13.41
C GLU B 337 -33.83 -6.94 13.16
N PHE B 338 -32.94 -7.09 12.18
CA PHE B 338 -32.36 -8.38 11.84
C PHE B 338 -31.67 -8.95 13.06
N MET B 339 -31.01 -8.07 13.81
CA MET B 339 -30.35 -8.48 15.04
C MET B 339 -31.36 -8.81 16.13
N GLU B 340 -32.45 -8.05 16.17
CA GLU B 340 -33.49 -8.27 17.18
C GLU B 340 -34.18 -9.61 17.02
N THR B 341 -34.57 -9.93 15.79
CA THR B 341 -35.23 -11.20 15.49
C THR B 341 -34.33 -12.39 15.79
N ALA B 342 -33.03 -12.19 15.70
CA ALA B 342 -32.07 -13.25 15.97
C ALA B 342 -31.87 -13.40 17.48
N TYR B 343 -31.97 -12.29 18.19
CA TYR B 343 -31.86 -12.30 19.64
C TYR B 343 -33.14 -12.89 20.23
N ASN B 344 -34.28 -12.52 19.67
CA ASN B 344 -35.57 -13.06 20.09
C ASN B 344 -35.70 -14.55 19.81
N GLU B 345 -35.37 -14.95 18.59
CA GLU B 345 -35.40 -16.36 18.21
C GLU B 345 -34.47 -17.17 19.10
N MET B 346 -33.37 -16.53 19.50
CA MET B 346 -32.42 -17.15 20.42
C MET B 346 -33.06 -17.34 21.80
N LEU B 347 -33.71 -16.30 22.32
CA LEU B 347 -34.29 -16.34 23.65
C LEU B 347 -35.35 -17.43 23.84
N ASN B 348 -36.23 -17.59 22.85
CA ASN B 348 -37.19 -18.69 22.90
C ASN B 348 -36.54 -20.00 22.48
N ASN B 349 -35.28 -20.20 22.88
CA ASN B 349 -34.56 -21.43 22.57
C ASN B 349 -33.35 -21.64 23.50
N GLY B 350 -33.45 -21.21 24.75
CA GLY B 350 -32.37 -21.42 25.70
C GLY B 350 -32.02 -20.30 26.66
N GLY B 351 -31.37 -19.25 26.17
CA GLY B 351 -31.16 -19.06 24.74
C GLY B 351 -29.87 -19.58 24.13
N VAL B 352 -30.02 -20.40 23.10
CA VAL B 352 -28.90 -20.98 22.38
C VAL B 352 -28.88 -20.42 20.96
N LEU B 353 -27.78 -19.78 20.57
CA LEU B 353 -27.70 -19.19 19.24
C LEU B 353 -27.27 -20.23 18.21
N ASP B 354 -28.23 -20.73 17.45
CA ASP B 354 -28.01 -21.72 16.40
C ASP B 354 -27.37 -21.05 15.19
N PRO B 355 -26.11 -21.43 14.88
CA PRO B 355 -25.33 -20.88 13.78
C PRO B 355 -26.08 -20.81 12.45
N SER B 356 -26.78 -21.88 12.08
CA SER B 356 -27.45 -21.94 10.78
C SER B 356 -28.53 -20.88 10.56
N LYS B 357 -28.96 -20.23 11.64
CA LYS B 357 -29.96 -19.16 11.54
C LYS B 357 -29.30 -17.79 11.67
N PHE B 358 -28.02 -17.79 12.02
CA PHE B 358 -27.25 -16.55 12.09
C PHE B 358 -25.81 -16.90 11.74
N PRO B 359 -25.57 -17.25 10.46
CA PRO B 359 -24.29 -17.79 10.00
C PRO B 359 -23.27 -16.69 9.81
N ILE B 360 -23.02 -15.92 10.87
CA ILE B 360 -22.22 -14.70 10.77
C ILE B 360 -21.22 -14.62 11.92
N ASN B 361 -19.94 -14.53 11.57
CA ASN B 361 -18.87 -14.35 12.55
C ASN B 361 -18.91 -15.38 13.68
N THR B 362 -18.89 -16.65 13.30
CA THR B 362 -19.02 -17.75 14.24
C THR B 362 -17.84 -17.86 15.21
N HIS B 363 -16.81 -17.04 15.00
CA HIS B 363 -15.64 -17.05 15.87
C HIS B 363 -15.75 -16.03 17.01
N GLY B 364 -16.66 -15.07 16.87
CA GLY B 364 -16.85 -14.05 17.89
C GLY B 364 -16.61 -12.64 17.38
N GLY B 365 -15.95 -12.54 16.23
CA GLY B 365 -15.68 -11.26 15.62
C GLY B 365 -14.74 -10.35 16.39
N LEU B 366 -14.72 -9.08 16.02
CA LEU B 366 -13.85 -8.11 16.67
C LEU B 366 -14.35 -7.81 18.07
N GLN B 367 -15.66 -7.93 18.26
CA GLN B 367 -16.29 -7.65 19.54
C GLN B 367 -15.88 -8.61 20.65
N CYS B 368 -15.80 -9.89 20.33
CA CYS B 368 -15.64 -10.90 21.38
C CYS B 368 -14.56 -11.95 21.11
N PHE B 369 -14.10 -12.05 19.87
CA PHE B 369 -12.93 -12.89 19.59
C PHE B 369 -11.65 -12.09 19.82
N GLY B 370 -11.57 -10.92 19.20
CA GLY B 370 -10.40 -10.08 19.34
C GLY B 370 -10.16 -9.21 18.13
N ALA B 371 -9.47 -8.09 18.33
CA ALA B 371 -9.27 -7.11 17.27
C ALA B 371 -7.95 -6.34 17.43
N PRO B 372 -6.87 -6.87 16.86
CA PRO B 372 -5.58 -6.18 16.84
C PRO B 372 -5.45 -5.20 15.68
N TRP B 373 -6.17 -4.09 15.77
CA TRP B 373 -6.04 -2.99 14.82
C TRP B 373 -6.38 -3.35 13.36
N GLU B 374 -5.37 -3.59 12.53
CA GLU B 374 -5.62 -3.88 11.11
C GLU B 374 -5.65 -5.38 10.81
N VAL B 375 -5.42 -6.20 11.83
CA VAL B 375 -5.41 -7.65 11.71
C VAL B 375 -6.77 -8.37 11.48
N PRO B 376 -7.81 -8.05 12.28
CA PRO B 376 -8.91 -9.00 12.47
C PRO B 376 -9.73 -9.47 11.26
N ALA B 377 -9.61 -8.81 10.11
CA ALA B 377 -10.26 -9.31 8.90
C ALA B 377 -9.66 -10.65 8.48
N MET B 378 -8.46 -10.91 8.97
CA MET B 378 -7.78 -12.19 8.78
C MET B 378 -8.57 -13.30 9.46
N TYR B 379 -9.24 -12.95 10.55
CA TYR B 379 -10.01 -13.93 11.32
C TYR B 379 -11.29 -14.32 10.60
N ASN B 380 -11.83 -13.38 9.82
CA ASN B 380 -12.95 -13.67 8.93
C ASN B 380 -12.55 -14.70 7.88
N ILE B 381 -11.28 -14.67 7.49
CA ILE B 381 -10.77 -15.58 6.49
C ILE B 381 -10.51 -16.95 7.11
N THR B 382 -9.87 -16.96 8.27
CA THR B 382 -9.58 -18.23 8.96
C THR B 382 -10.85 -18.94 9.42
N GLU B 383 -11.87 -18.17 9.81
CA GLU B 383 -13.13 -18.75 10.25
C GLU B 383 -13.93 -19.27 9.07
N ALA B 384 -13.86 -18.55 7.96
CA ALA B 384 -14.53 -18.99 6.73
C ALA B 384 -13.91 -20.29 6.24
N ILE B 385 -12.59 -20.36 6.35
CA ILE B 385 -11.84 -21.54 5.94
C ILE B 385 -12.15 -22.72 6.86
N ALA B 386 -12.32 -22.44 8.15
CA ALA B 386 -12.66 -23.47 9.11
C ALA B 386 -14.02 -24.07 8.78
N GLN B 387 -14.97 -23.21 8.43
CA GLN B 387 -16.31 -23.64 8.04
C GLN B 387 -16.32 -24.44 6.74
N LEU B 388 -15.66 -23.90 5.72
CA LEU B 388 -15.63 -24.54 4.40
C LEU B 388 -14.94 -25.90 4.44
N SER B 389 -14.02 -26.07 5.38
CA SER B 389 -13.24 -27.30 5.48
C SER B 389 -13.80 -28.25 6.52
N GLU B 390 -14.98 -27.92 7.05
CA GLU B 390 -15.62 -28.70 8.11
C GLU B 390 -14.70 -28.92 9.31
N GLU B 391 -14.14 -27.83 9.83
CA GLU B 391 -13.25 -27.91 10.99
C GLU B 391 -13.61 -26.89 12.06
N ALA B 392 -14.87 -26.45 12.07
CA ALA B 392 -15.29 -25.41 13.00
C ALA B 392 -15.95 -25.96 14.26
N GLY B 393 -15.88 -27.28 14.44
CA GLY B 393 -16.31 -27.89 15.69
C GLY B 393 -17.75 -27.61 16.09
N ASP B 394 -17.91 -26.91 17.20
CA ASP B 394 -19.24 -26.60 17.73
C ASP B 394 -19.88 -25.44 16.99
N ARG B 395 -19.12 -24.81 16.11
CA ARG B 395 -19.61 -23.68 15.34
C ARG B 395 -19.85 -24.17 13.93
N GLN B 396 -19.49 -25.43 13.69
CA GLN B 396 -19.51 -25.99 12.34
C GLN B 396 -20.89 -25.97 11.73
N LEU B 397 -21.01 -25.35 10.56
CA LEU B 397 -22.24 -25.37 9.81
C LEU B 397 -22.39 -26.68 9.05
N THR B 398 -23.61 -27.21 9.06
CA THR B 398 -23.95 -28.41 8.32
C THR B 398 -25.25 -28.12 7.60
N PRO B 399 -25.31 -28.42 6.29
CA PRO B 399 -24.24 -28.99 5.47
C PRO B 399 -23.06 -28.03 5.30
N VAL B 400 -21.87 -28.58 5.08
CA VAL B 400 -20.64 -27.79 4.98
C VAL B 400 -20.82 -26.72 3.92
N PRO B 401 -20.61 -25.45 4.31
CA PRO B 401 -20.77 -24.32 3.38
C PRO B 401 -19.89 -24.50 2.16
N LYS B 402 -20.38 -24.07 1.00
CA LYS B 402 -19.60 -24.13 -0.22
C LYS B 402 -19.03 -22.75 -0.54
N ARG B 403 -19.69 -21.72 -0.01
CA ARG B 403 -19.37 -20.33 -0.35
C ARG B 403 -19.43 -19.42 0.87
N ALA B 404 -18.39 -18.62 1.05
CA ALA B 404 -18.32 -17.66 2.14
C ALA B 404 -18.12 -16.25 1.61
N LEU B 405 -18.54 -15.27 2.40
CA LEU B 405 -18.23 -13.88 2.09
C LEU B 405 -17.49 -13.28 3.27
N VAL B 406 -16.34 -12.68 3.00
CA VAL B 406 -15.61 -11.98 4.04
C VAL B 406 -15.56 -10.50 3.73
N TYR B 407 -15.56 -9.69 4.77
CA TYR B 407 -15.66 -8.25 4.63
C TYR B 407 -14.75 -7.57 5.62
N GLY B 408 -13.92 -6.66 5.12
CA GLY B 408 -13.00 -5.93 5.97
C GLY B 408 -13.26 -4.45 5.79
N ASN B 409 -13.19 -3.72 6.89
CA ASN B 409 -13.49 -2.30 6.86
C ASN B 409 -12.42 -1.52 7.59
N GLY B 410 -12.07 -0.35 7.07
CA GLY B 410 -11.00 0.43 7.66
C GLY B 410 -11.41 1.84 7.98
N GLY B 411 -10.76 2.43 8.96
CA GLY B 411 -11.07 3.78 9.39
C GLY B 411 -12.49 3.89 9.93
N ILE B 412 -13.21 4.89 9.46
CA ILE B 412 -14.60 5.10 9.85
C ILE B 412 -15.50 5.05 8.61
N PHE B 413 -15.87 3.83 8.21
CA PHE B 413 -16.52 3.58 6.92
C PHE B 413 -15.72 4.22 5.80
N SER B 414 -14.40 4.03 5.88
CA SER B 414 -13.47 4.72 4.99
C SER B 414 -12.97 3.77 3.91
N ALA B 415 -12.90 2.49 4.25
CA ALA B 415 -12.45 1.48 3.30
C ALA B 415 -13.31 0.23 3.39
N SER B 416 -13.69 -0.29 2.24
CA SER B 416 -14.40 -1.56 2.19
C SER B 416 -13.69 -2.50 1.23
N SER B 417 -13.42 -3.72 1.69
CA SER B 417 -12.94 -4.77 0.81
C SER B 417 -13.72 -6.05 1.10
N VAL B 418 -14.25 -6.66 0.04
CA VAL B 418 -15.09 -7.84 0.18
C VAL B 418 -14.56 -8.96 -0.71
N ALA B 419 -14.45 -10.15 -0.15
CA ALA B 419 -14.04 -11.31 -0.93
C ALA B 419 -15.03 -12.46 -0.82
N ILE B 420 -15.17 -13.22 -1.90
CA ILE B 420 -15.97 -14.43 -1.91
C ILE B 420 -15.02 -15.62 -1.98
N LEU B 421 -15.14 -16.54 -1.04
CA LEU B 421 -14.32 -17.74 -1.06
C LEU B 421 -15.17 -18.99 -1.32
N ILE B 422 -14.73 -19.80 -2.28
CA ILE B 422 -15.41 -21.05 -2.62
C ILE B 422 -14.42 -22.22 -2.60
N SER B 423 -14.91 -23.41 -2.28
CA SER B 423 -14.04 -24.58 -2.17
C SER B 423 -13.62 -25.08 -3.55
N ASP B 424 -14.59 -25.16 -4.46
CA ASP B 424 -14.34 -25.58 -5.84
C ASP B 424 -15.31 -24.86 -6.77
N LEU B 425 -15.00 -24.90 -8.07
CA LEU B 425 -15.89 -24.31 -9.07
C LEU B 425 -16.84 -25.36 -9.63
#